data_2N5L
#
_entry.id   2N5L
#
_entity_poly.entity_id   1
_entity_poly.type   'polypeptide(L)'
_entity_poly.pdbx_seq_one_letter_code
;GPHMGDLAKERAGVYTKLCGVFPPHLVEAVMRRFPQLLDPQQLAAEILSYKSQHLSE
;
_entity_poly.pdbx_strand_id   A
#
# COMPACT_ATOMS: atom_id res chain seq x y z
N GLY A 1 -9.90 -13.64 7.22
CA GLY A 1 -10.71 -12.91 6.26
C GLY A 1 -10.67 -13.54 4.88
N PRO A 2 -11.30 -14.71 4.73
CA PRO A 2 -11.35 -15.43 3.46
C PRO A 2 -12.21 -14.72 2.41
N HIS A 3 -13.37 -14.24 2.85
CA HIS A 3 -14.29 -13.54 1.96
C HIS A 3 -13.78 -12.15 1.63
N MET A 4 -14.47 -11.46 0.73
CA MET A 4 -14.07 -10.11 0.33
C MET A 4 -15.30 -9.28 -0.04
N GLY A 5 -15.23 -7.98 0.25
CA GLY A 5 -16.34 -7.09 -0.06
C GLY A 5 -16.17 -5.72 0.56
N ASP A 6 -15.90 -5.69 1.86
CA ASP A 6 -15.71 -4.43 2.58
C ASP A 6 -14.35 -3.82 2.26
N LEU A 7 -13.37 -4.67 1.99
CA LEU A 7 -12.02 -4.21 1.68
C LEU A 7 -12.04 -3.22 0.51
N ALA A 8 -13.04 -3.38 -0.36
CA ALA A 8 -13.18 -2.49 -1.52
C ALA A 8 -13.31 -1.03 -1.08
N LYS A 9 -14.02 -0.82 0.02
CA LYS A 9 -14.23 0.53 0.55
C LYS A 9 -12.94 1.07 1.16
N GLU A 10 -12.18 0.20 1.80
CA GLU A 10 -10.93 0.60 2.43
C GLU A 10 -9.89 0.99 1.38
N ARG A 11 -9.55 0.03 0.52
CA ARG A 11 -8.57 0.27 -0.54
C ARG A 11 -8.93 1.52 -1.34
N ALA A 12 -10.22 1.74 -1.52
CA ALA A 12 -10.70 2.91 -2.27
C ALA A 12 -10.17 4.21 -1.66
N GLY A 13 -10.53 4.45 -0.41
CA GLY A 13 -10.07 5.66 0.26
C GLY A 13 -8.58 5.64 0.56
N VAL A 14 -8.10 4.52 1.07
CA VAL A 14 -6.69 4.37 1.40
C VAL A 14 -5.80 4.76 0.22
N TYR A 15 -6.03 4.09 -0.92
CA TYR A 15 -5.25 4.36 -2.11
C TYR A 15 -5.29 5.84 -2.47
N THR A 16 -6.46 6.46 -2.30
CA THR A 16 -6.63 7.87 -2.61
C THR A 16 -5.63 8.72 -1.83
N LYS A 17 -5.45 8.39 -0.56
CA LYS A 17 -4.52 9.13 0.30
C LYS A 17 -3.07 8.73 -0.01
N LEU A 18 -2.88 7.49 -0.45
CA LEU A 18 -1.56 6.98 -0.76
C LEU A 18 -0.87 7.87 -1.80
N CYS A 19 -1.66 8.49 -2.67
CA CYS A 19 -1.14 9.37 -3.70
C CYS A 19 -0.48 10.59 -3.09
N GLY A 20 -0.76 10.84 -1.81
CA GLY A 20 -0.20 11.98 -1.13
C GLY A 20 0.86 11.59 -0.12
N VAL A 21 1.10 10.29 0.01
CA VAL A 21 2.10 9.78 0.95
C VAL A 21 3.22 9.05 0.22
N PHE A 22 2.90 8.48 -0.93
CA PHE A 22 3.88 7.76 -1.73
C PHE A 22 3.45 7.69 -3.19
N PRO A 23 4.43 7.43 -4.08
CA PRO A 23 4.18 7.33 -5.53
C PRO A 23 3.38 6.09 -5.89
N PRO A 24 2.93 6.03 -7.15
CA PRO A 24 2.15 4.90 -7.66
C PRO A 24 2.99 3.63 -7.79
N HIS A 25 4.17 3.77 -8.38
CA HIS A 25 5.07 2.63 -8.57
C HIS A 25 5.30 1.90 -7.25
N LEU A 26 5.20 2.63 -6.15
CA LEU A 26 5.40 2.04 -4.83
C LEU A 26 4.12 1.38 -4.33
N VAL A 27 3.07 2.17 -4.19
CA VAL A 27 1.78 1.66 -3.72
C VAL A 27 1.35 0.44 -4.52
N GLU A 28 1.36 0.57 -5.84
CA GLU A 28 0.98 -0.53 -6.72
C GLU A 28 1.73 -1.80 -6.37
N ALA A 29 2.96 -1.65 -5.89
CA ALA A 29 3.79 -2.79 -5.51
C ALA A 29 3.45 -3.25 -4.09
N VAL A 30 3.58 -2.36 -3.12
CA VAL A 30 3.30 -2.68 -1.73
C VAL A 30 1.92 -3.30 -1.59
N MET A 31 0.99 -2.87 -2.44
CA MET A 31 -0.38 -3.39 -2.41
C MET A 31 -0.39 -4.90 -2.55
N ARG A 32 0.64 -5.44 -3.19
CA ARG A 32 0.74 -6.89 -3.40
C ARG A 32 1.28 -7.58 -2.14
N ARG A 33 1.98 -6.81 -1.31
CA ARG A 33 2.55 -7.35 -0.08
C ARG A 33 1.46 -7.58 0.96
N PHE A 34 0.59 -6.59 1.14
CA PHE A 34 -0.50 -6.69 2.11
C PHE A 34 -1.85 -6.68 1.41
N PRO A 35 -2.18 -7.79 0.73
CA PRO A 35 -3.44 -7.94 0.00
C PRO A 35 -4.64 -8.03 0.94
N GLN A 36 -4.36 -8.16 2.23
CA GLN A 36 -5.42 -8.27 3.24
C GLN A 36 -5.47 -7.02 4.12
N LEU A 37 -4.42 -6.21 4.04
CA LEU A 37 -4.34 -4.99 4.83
C LEU A 37 -3.98 -3.79 3.95
N LEU A 38 -4.91 -2.87 3.80
CA LEU A 38 -4.69 -1.67 2.98
C LEU A 38 -4.86 -0.40 3.81
N ASP A 39 -3.76 0.14 4.30
CA ASP A 39 -3.79 1.35 5.11
C ASP A 39 -2.79 2.38 4.58
N PRO A 40 -3.07 3.66 4.85
CA PRO A 40 -2.21 4.77 4.41
C PRO A 40 -0.87 4.79 5.14
N GLN A 41 -0.91 4.62 6.46
CA GLN A 41 0.29 4.62 7.27
C GLN A 41 1.00 3.27 7.21
N GLN A 42 0.23 2.20 7.34
CA GLN A 42 0.76 0.85 7.30
C GLN A 42 1.64 0.65 6.05
N LEU A 43 1.06 0.95 4.89
CA LEU A 43 1.78 0.80 3.63
C LEU A 43 3.13 1.53 3.68
N ALA A 44 3.19 2.60 4.48
CA ALA A 44 4.40 3.38 4.62
C ALA A 44 5.51 2.56 5.27
N ALA A 45 5.14 1.74 6.26
CA ALA A 45 6.09 0.91 6.96
C ALA A 45 6.80 -0.05 5.99
N GLU A 46 6.03 -0.73 5.17
CA GLU A 46 6.59 -1.66 4.20
C GLU A 46 7.50 -0.95 3.22
N ILE A 47 7.06 0.20 2.72
CA ILE A 47 7.83 0.98 1.77
C ILE A 47 9.15 1.43 2.38
N LEU A 48 9.12 1.79 3.66
CA LEU A 48 10.32 2.23 4.36
C LEU A 48 11.44 1.19 4.24
N SER A 49 11.07 -0.08 4.36
CA SER A 49 12.03 -1.16 4.28
C SER A 49 12.36 -1.48 2.83
N TYR A 50 11.34 -1.52 1.99
CA TYR A 50 11.51 -1.81 0.57
C TYR A 50 12.49 -0.83 -0.07
N LYS A 51 12.39 0.43 0.32
CA LYS A 51 13.26 1.47 -0.22
C LYS A 51 14.67 1.33 0.34
N SER A 52 14.77 1.23 1.67
CA SER A 52 16.07 1.09 2.33
C SER A 52 16.85 -0.09 1.76
N GLN A 53 16.13 -1.14 1.36
CA GLN A 53 16.74 -2.33 0.80
C GLN A 53 17.35 -2.03 -0.58
N HIS A 54 16.78 -1.04 -1.26
CA HIS A 54 17.26 -0.67 -2.59
C HIS A 54 17.86 0.74 -2.57
N LEU A 55 18.62 1.03 -1.51
CA LEU A 55 19.25 2.34 -1.36
C LEU A 55 20.74 2.26 -1.70
N SER A 56 21.24 3.28 -2.39
CA SER A 56 22.65 3.32 -2.76
C SER A 56 23.54 3.44 -1.54
N GLU A 57 24.85 3.58 -1.77
CA GLU A 57 25.80 3.71 -0.68
C GLU A 57 26.29 5.15 -0.54
N GLY A 1 -14.08 -12.09 -5.27
CA GLY A 1 -14.68 -11.96 -3.95
C GLY A 1 -16.13 -11.52 -4.02
N PRO A 2 -17.00 -12.43 -4.48
CA PRO A 2 -18.43 -12.15 -4.60
C PRO A 2 -19.12 -12.04 -3.25
N HIS A 3 -18.57 -12.74 -2.25
CA HIS A 3 -19.13 -12.71 -0.90
C HIS A 3 -18.42 -11.69 -0.03
N MET A 4 -17.13 -11.91 0.21
CA MET A 4 -16.34 -11.00 1.02
C MET A 4 -15.62 -9.98 0.16
N GLY A 5 -16.07 -8.73 0.21
CA GLY A 5 -15.45 -7.67 -0.57
C GLY A 5 -15.58 -6.31 0.08
N ASP A 6 -15.68 -6.31 1.41
CA ASP A 6 -15.81 -5.06 2.16
C ASP A 6 -14.51 -4.26 2.10
N LEU A 7 -13.39 -4.97 2.07
CA LEU A 7 -12.08 -4.33 2.01
C LEU A 7 -11.98 -3.40 0.82
N ALA A 8 -12.77 -3.67 -0.21
CA ALA A 8 -12.78 -2.85 -1.42
C ALA A 8 -12.97 -1.38 -1.08
N LYS A 9 -13.79 -1.12 -0.06
CA LYS A 9 -14.07 0.25 0.37
C LYS A 9 -12.83 0.88 1.00
N GLU A 10 -12.03 0.05 1.66
CA GLU A 10 -10.82 0.53 2.31
C GLU A 10 -9.80 1.03 1.29
N ARG A 11 -9.39 0.14 0.40
CA ARG A 11 -8.41 0.48 -0.63
C ARG A 11 -8.86 1.73 -1.40
N ALA A 12 -10.16 1.83 -1.64
CA ALA A 12 -10.71 2.97 -2.36
C ALA A 12 -10.26 4.29 -1.74
N GLY A 13 -10.62 4.48 -0.46
CA GLY A 13 -10.25 5.70 0.23
C GLY A 13 -8.77 5.75 0.55
N VAL A 14 -8.24 4.66 1.08
CA VAL A 14 -6.82 4.60 1.44
C VAL A 14 -5.95 5.01 0.26
N TYR A 15 -6.13 4.33 -0.87
CA TYR A 15 -5.35 4.62 -2.07
C TYR A 15 -5.41 6.10 -2.41
N THR A 16 -6.58 6.71 -2.21
CA THR A 16 -6.77 8.12 -2.50
C THR A 16 -5.75 8.97 -1.75
N LYS A 17 -5.58 8.68 -0.46
CA LYS A 17 -4.65 9.43 0.37
C LYS A 17 -3.21 8.98 0.10
N LEU A 18 -3.04 7.69 -0.18
CA LEU A 18 -1.71 7.14 -0.46
C LEU A 18 -1.05 7.88 -1.62
N CYS A 19 -1.87 8.42 -2.52
CA CYS A 19 -1.36 9.16 -3.68
C CYS A 19 -0.70 10.46 -3.23
N GLY A 20 -1.03 10.91 -2.02
CA GLY A 20 -0.47 12.14 -1.52
C GLY A 20 0.67 11.90 -0.53
N VAL A 21 0.80 10.65 -0.09
CA VAL A 21 1.86 10.28 0.85
C VAL A 21 2.99 9.53 0.16
N PHE A 22 2.66 8.88 -0.96
CA PHE A 22 3.65 8.13 -1.72
C PHE A 22 3.20 7.97 -3.17
N PRO A 23 4.17 7.69 -4.05
CA PRO A 23 3.91 7.50 -5.48
C PRO A 23 3.14 6.21 -5.77
N PRO A 24 2.64 6.08 -7.00
CA PRO A 24 1.88 4.91 -7.43
C PRO A 24 2.75 3.66 -7.55
N HIS A 25 3.92 3.81 -8.16
CA HIS A 25 4.84 2.70 -8.33
C HIS A 25 5.17 2.05 -7.00
N LEU A 26 5.05 2.82 -5.92
CA LEU A 26 5.33 2.32 -4.58
C LEU A 26 4.12 1.58 -4.02
N VAL A 27 3.00 2.29 -3.88
CA VAL A 27 1.78 1.69 -3.36
C VAL A 27 1.38 0.46 -4.16
N GLU A 28 1.31 0.62 -5.48
CA GLU A 28 0.94 -0.48 -6.37
C GLU A 28 1.79 -1.71 -6.08
N ALA A 29 3.02 -1.49 -5.64
CA ALA A 29 3.93 -2.59 -5.32
C ALA A 29 3.66 -3.14 -3.92
N VAL A 30 3.77 -2.28 -2.93
CA VAL A 30 3.54 -2.68 -1.54
C VAL A 30 2.19 -3.37 -1.38
N MET A 31 1.21 -2.90 -2.15
CA MET A 31 -0.13 -3.48 -2.09
C MET A 31 -0.09 -4.97 -2.39
N ARG A 32 0.91 -5.40 -3.17
CA ARG A 32 1.05 -6.79 -3.54
C ARG A 32 1.53 -7.62 -2.36
N ARG A 33 1.90 -6.95 -1.27
CA ARG A 33 2.38 -7.62 -0.07
C ARG A 33 1.26 -7.78 0.95
N PHE A 34 0.42 -6.76 1.07
CA PHE A 34 -0.70 -6.79 2.01
C PHE A 34 -2.03 -6.75 1.27
N PRO A 35 -2.39 -7.89 0.65
CA PRO A 35 -3.65 -8.01 -0.10
C PRO A 35 -4.87 -8.00 0.81
N GLN A 36 -4.63 -8.09 2.11
CA GLN A 36 -5.72 -8.09 3.09
C GLN A 36 -5.69 -6.82 3.93
N LEU A 37 -4.58 -6.10 3.87
CA LEU A 37 -4.42 -4.86 4.64
C LEU A 37 -4.00 -3.71 3.73
N LEU A 38 -4.82 -2.66 3.68
CA LEU A 38 -4.53 -1.50 2.86
C LEU A 38 -4.69 -0.21 3.67
N ASP A 39 -3.57 0.31 4.17
CA ASP A 39 -3.57 1.53 4.95
C ASP A 39 -2.56 2.53 4.41
N PRO A 40 -2.82 3.83 4.63
CA PRO A 40 -1.94 4.90 4.17
C PRO A 40 -0.62 4.94 4.94
N GLN A 41 -0.72 4.89 6.27
CA GLN A 41 0.46 4.93 7.12
C GLN A 41 1.11 3.55 7.20
N GLN A 42 0.31 2.54 7.54
CA GLN A 42 0.80 1.17 7.66
C GLN A 42 1.66 0.80 6.46
N LEU A 43 1.11 0.95 5.26
CA LEU A 43 1.82 0.63 4.03
C LEU A 43 3.17 1.34 3.98
N ALA A 44 3.19 2.58 4.46
CA ALA A 44 4.41 3.38 4.48
C ALA A 44 5.54 2.62 5.17
N ALA A 45 5.26 2.09 6.36
CA ALA A 45 6.25 1.34 7.11
C ALA A 45 6.89 0.25 6.25
N GLU A 46 6.12 -0.32 5.34
CA GLU A 46 6.62 -1.37 4.45
C GLU A 46 7.45 -0.77 3.32
N ILE A 47 7.09 0.43 2.88
CA ILE A 47 7.80 1.10 1.81
C ILE A 47 9.24 1.44 2.24
N LEU A 48 9.37 2.07 3.39
CA LEU A 48 10.68 2.44 3.92
C LEU A 48 11.62 1.23 3.94
N SER A 49 11.06 0.06 4.21
CA SER A 49 11.85 -1.16 4.26
C SER A 49 12.16 -1.67 2.85
N TYR A 50 11.17 -1.59 1.96
CA TYR A 50 11.33 -2.04 0.60
C TYR A 50 12.34 -1.16 -0.16
N LYS A 51 12.42 0.11 0.24
CA LYS A 51 13.34 1.04 -0.39
C LYS A 51 14.77 0.80 0.09
N SER A 52 14.95 0.79 1.41
CA SER A 52 16.27 0.57 1.99
C SER A 52 16.87 -0.74 1.50
N GLN A 53 16.01 -1.68 1.11
CA GLN A 53 16.46 -2.97 0.62
C GLN A 53 17.40 -2.81 -0.57
N HIS A 54 17.07 -1.87 -1.45
CA HIS A 54 17.89 -1.61 -2.63
C HIS A 54 18.69 -0.32 -2.47
N LEU A 55 19.05 0.00 -1.24
CA LEU A 55 19.80 1.21 -0.94
C LEU A 55 20.73 1.00 0.25
N SER A 56 22.03 1.14 0.02
CA SER A 56 23.02 0.96 1.08
C SER A 56 23.80 2.25 1.31
N GLU A 57 24.25 2.45 2.54
CA GLU A 57 25.02 3.64 2.89
C GLU A 57 26.45 3.55 2.34
N GLY A 1 -21.24 -4.70 -9.24
CA GLY A 1 -22.59 -5.21 -9.03
C GLY A 1 -22.58 -6.57 -8.37
N PRO A 2 -22.23 -7.62 -9.14
CA PRO A 2 -22.18 -8.99 -8.64
C PRO A 2 -21.05 -9.22 -7.65
N HIS A 3 -20.00 -8.41 -7.77
CA HIS A 3 -18.85 -8.52 -6.88
C HIS A 3 -19.21 -8.06 -5.47
N MET A 4 -18.89 -8.90 -4.49
CA MET A 4 -19.18 -8.58 -3.09
C MET A 4 -17.91 -8.21 -2.35
N GLY A 5 -18.05 -7.89 -1.06
CA GLY A 5 -16.89 -7.52 -0.25
C GLY A 5 -16.95 -6.08 0.20
N ASP A 6 -16.33 -5.80 1.34
CA ASP A 6 -16.31 -4.44 1.89
C ASP A 6 -14.90 -3.86 1.82
N LEU A 7 -13.90 -4.74 1.81
CA LEU A 7 -12.51 -4.30 1.76
C LEU A 7 -12.28 -3.33 0.60
N ALA A 8 -13.07 -3.48 -0.46
CA ALA A 8 -12.96 -2.62 -1.63
C ALA A 8 -13.02 -1.15 -1.23
N LYS A 9 -13.84 -0.84 -0.22
CA LYS A 9 -13.99 0.52 0.26
C LYS A 9 -12.67 1.04 0.82
N GLU A 10 -12.05 0.26 1.69
CA GLU A 10 -10.78 0.64 2.30
C GLU A 10 -9.74 0.98 1.23
N ARG A 11 -9.48 0.03 0.34
CA ARG A 11 -8.51 0.22 -0.73
C ARG A 11 -8.87 1.44 -1.57
N ALA A 12 -10.16 1.78 -1.59
CA ALA A 12 -10.63 2.93 -2.37
C ALA A 12 -10.20 4.24 -1.71
N GLY A 13 -10.52 4.39 -0.43
CA GLY A 13 -10.16 5.60 0.28
C GLY A 13 -8.67 5.69 0.57
N VAL A 14 -8.11 4.59 1.09
CA VAL A 14 -6.68 4.55 1.41
C VAL A 14 -5.84 4.97 0.21
N TYR A 15 -6.06 4.31 -0.93
CA TYR A 15 -5.32 4.61 -2.14
C TYR A 15 -5.35 6.11 -2.45
N THR A 16 -6.52 6.71 -2.27
CA THR A 16 -6.69 8.14 -2.53
C THR A 16 -5.68 8.96 -1.74
N LYS A 17 -5.51 8.61 -0.46
CA LYS A 17 -4.58 9.31 0.40
C LYS A 17 -3.14 8.89 0.11
N LEU A 18 -2.96 7.62 -0.22
CA LEU A 18 -1.64 7.09 -0.52
C LEU A 18 -0.97 7.89 -1.64
N CYS A 19 -1.78 8.50 -2.49
CA CYS A 19 -1.28 9.29 -3.60
C CYS A 19 -0.58 10.55 -3.10
N GLY A 20 -0.95 10.97 -1.89
CA GLY A 20 -0.35 12.16 -1.31
C GLY A 20 0.72 11.84 -0.30
N VAL A 21 0.96 10.56 -0.08
CA VAL A 21 1.98 10.11 0.87
C VAL A 21 3.10 9.35 0.17
N PHE A 22 2.76 8.74 -0.96
CA PHE A 22 3.74 7.96 -1.72
C PHE A 22 3.31 7.83 -3.18
N PRO A 23 4.28 7.54 -4.06
CA PRO A 23 4.02 7.37 -5.49
C PRO A 23 3.21 6.11 -5.80
N PRO A 24 2.74 6.00 -7.04
CA PRO A 24 1.95 4.84 -7.49
C PRO A 24 2.79 3.58 -7.59
N HIS A 25 3.97 3.70 -8.21
CA HIS A 25 4.86 2.56 -8.37
C HIS A 25 5.15 1.89 -7.02
N LEU A 26 5.04 2.67 -5.95
CA LEU A 26 5.28 2.15 -4.61
C LEU A 26 4.04 1.46 -4.05
N VAL A 27 2.96 2.23 -3.92
CA VAL A 27 1.70 1.69 -3.41
C VAL A 27 1.29 0.44 -4.16
N GLU A 28 1.25 0.54 -5.49
CA GLU A 28 0.86 -0.59 -6.33
C GLU A 28 1.68 -1.83 -5.98
N ALA A 29 2.92 -1.60 -5.53
CA ALA A 29 3.81 -2.71 -5.16
C ALA A 29 3.53 -3.18 -3.74
N VAL A 30 3.65 -2.27 -2.78
CA VAL A 30 3.41 -2.60 -1.38
C VAL A 30 2.04 -3.25 -1.19
N MET A 31 1.08 -2.84 -2.01
CA MET A 31 -0.27 -3.38 -1.94
C MET A 31 -0.27 -4.89 -2.14
N ARG A 32 0.74 -5.38 -2.85
CA ARG A 32 0.86 -6.81 -3.12
C ARG A 32 1.43 -7.54 -1.91
N ARG A 33 1.87 -6.78 -0.92
CA ARG A 33 2.44 -7.36 0.30
C ARG A 33 1.36 -7.61 1.34
N PHE A 34 0.37 -6.71 1.41
CA PHE A 34 -0.71 -6.85 2.36
C PHE A 34 -2.07 -6.88 1.64
N PRO A 35 -2.37 -8.03 1.03
CA PRO A 35 -3.62 -8.21 0.29
C PRO A 35 -4.84 -8.26 1.22
N GLN A 36 -4.58 -8.31 2.52
CA GLN A 36 -5.65 -8.37 3.50
C GLN A 36 -5.71 -7.08 4.31
N LEU A 37 -4.68 -6.27 4.20
CA LEU A 37 -4.61 -4.99 4.92
C LEU A 37 -4.15 -3.87 4.00
N LEU A 38 -5.01 -2.88 3.82
CA LEU A 38 -4.70 -1.73 2.96
C LEU A 38 -4.80 -0.43 3.74
N ASP A 39 -3.67 0.05 4.23
CA ASP A 39 -3.62 1.29 4.99
C ASP A 39 -2.55 2.22 4.44
N PRO A 40 -2.73 3.53 4.65
CA PRO A 40 -1.79 4.55 4.19
C PRO A 40 -0.48 4.53 4.97
N GLN A 41 -0.58 4.43 6.29
CA GLN A 41 0.60 4.40 7.14
C GLN A 41 1.24 3.00 7.14
N GLN A 42 0.40 1.98 7.31
CA GLN A 42 0.87 0.61 7.33
C GLN A 42 1.74 0.31 6.11
N LEU A 43 1.19 0.55 4.92
CA LEU A 43 1.90 0.31 3.68
C LEU A 43 3.23 1.06 3.66
N ALA A 44 3.24 2.26 4.23
CA ALA A 44 4.44 3.08 4.28
C ALA A 44 5.57 2.34 5.00
N ALA A 45 5.23 1.67 6.10
CA ALA A 45 6.23 0.92 6.87
C ALA A 45 7.02 -0.02 5.97
N GLU A 46 6.34 -0.65 5.03
CA GLU A 46 6.98 -1.57 4.11
C GLU A 46 7.81 -0.83 3.07
N ILE A 47 7.32 0.35 2.67
CA ILE A 47 8.02 1.17 1.68
C ILE A 47 9.39 1.59 2.20
N LEU A 48 9.43 2.12 3.42
CA LEU A 48 10.68 2.56 4.02
C LEU A 48 11.74 1.46 3.95
N SER A 49 11.32 0.22 4.13
CA SER A 49 12.24 -0.92 4.08
C SER A 49 12.54 -1.31 2.64
N TYR A 50 11.50 -1.42 1.83
CA TYR A 50 11.66 -1.79 0.42
C TYR A 50 12.58 -0.81 -0.30
N LYS A 51 12.57 0.45 0.14
CA LYS A 51 13.41 1.47 -0.45
C LYS A 51 14.85 1.36 0.04
N SER A 52 15.02 1.38 1.36
CA SER A 52 16.34 1.27 1.96
C SER A 52 17.05 0.00 1.50
N GLN A 53 16.27 -1.00 1.13
CA GLN A 53 16.81 -2.27 0.68
C GLN A 53 17.76 -2.06 -0.51
N HIS A 54 17.39 -1.16 -1.41
CA HIS A 54 18.20 -0.86 -2.57
C HIS A 54 19.08 0.37 -2.33
N LEU A 55 19.60 0.48 -1.12
CA LEU A 55 20.45 1.61 -0.75
C LEU A 55 21.86 1.14 -0.42
N SER A 56 22.84 2.01 -0.61
CA SER A 56 24.24 1.69 -0.33
C SER A 56 24.61 2.11 1.09
N GLU A 57 24.23 1.29 2.07
CA GLU A 57 24.53 1.58 3.47
C GLU A 57 25.26 0.41 4.11
N GLY A 1 -14.41 -16.69 -4.21
CA GLY A 1 -14.49 -15.93 -2.99
C GLY A 1 -15.92 -15.63 -2.60
N PRO A 2 -16.10 -14.96 -1.45
CA PRO A 2 -17.43 -14.59 -0.94
C PRO A 2 -18.09 -13.52 -1.78
N HIS A 3 -19.35 -13.22 -1.46
CA HIS A 3 -20.09 -12.20 -2.19
C HIS A 3 -19.84 -10.82 -1.61
N MET A 4 -19.86 -10.72 -0.29
CA MET A 4 -19.62 -9.45 0.39
C MET A 4 -18.30 -8.84 -0.05
N GLY A 5 -18.20 -7.51 0.05
CA GLY A 5 -16.97 -6.84 -0.34
C GLY A 5 -16.81 -5.51 0.36
N ASP A 6 -16.84 -5.54 1.69
CA ASP A 6 -16.68 -4.32 2.49
C ASP A 6 -15.28 -3.74 2.34
N LEU A 7 -14.29 -4.63 2.22
CA LEU A 7 -12.90 -4.20 2.07
C LEU A 7 -12.73 -3.33 0.84
N ALA A 8 -13.62 -3.49 -0.13
CA ALA A 8 -13.58 -2.70 -1.35
C ALA A 8 -13.59 -1.21 -1.05
N LYS A 9 -14.16 -0.84 0.09
CA LYS A 9 -14.23 0.55 0.50
C LYS A 9 -12.92 1.00 1.12
N GLU A 10 -12.18 0.05 1.68
CA GLU A 10 -10.90 0.37 2.31
C GLU A 10 -9.86 0.76 1.27
N ARG A 11 -9.57 -0.17 0.36
CA ARG A 11 -8.59 0.07 -0.70
C ARG A 11 -8.94 1.34 -1.48
N ALA A 12 -10.24 1.61 -1.60
CA ALA A 12 -10.70 2.79 -2.33
C ALA A 12 -10.21 4.07 -1.67
N GLY A 13 -10.56 4.25 -0.40
CA GLY A 13 -10.15 5.44 0.33
C GLY A 13 -8.66 5.45 0.62
N VAL A 14 -8.15 4.33 1.13
CA VAL A 14 -6.74 4.22 1.46
C VAL A 14 -5.87 4.63 0.28
N TYR A 15 -6.07 3.96 -0.86
CA TYR A 15 -5.30 4.26 -2.07
C TYR A 15 -5.35 5.75 -2.39
N THR A 16 -6.52 6.34 -2.23
CA THR A 16 -6.69 7.76 -2.52
C THR A 16 -5.71 8.60 -1.71
N LYS A 17 -5.51 8.24 -0.45
CA LYS A 17 -4.59 8.96 0.42
C LYS A 17 -3.14 8.60 0.10
N LEU A 18 -2.93 7.37 -0.35
CA LEU A 18 -1.59 6.90 -0.69
C LEU A 18 -0.94 7.81 -1.73
N CYS A 19 -1.77 8.40 -2.59
CA CYS A 19 -1.27 9.30 -3.62
C CYS A 19 -0.64 10.55 -3.01
N GLY A 20 -0.91 10.77 -1.72
CA GLY A 20 -0.36 11.94 -1.05
C GLY A 20 0.73 11.56 -0.06
N VAL A 21 1.01 10.27 0.06
CA VAL A 21 2.03 9.78 0.97
C VAL A 21 3.15 9.08 0.23
N PHE A 22 2.82 8.51 -0.93
CA PHE A 22 3.81 7.81 -1.75
C PHE A 22 3.36 7.73 -3.21
N PRO A 23 4.32 7.52 -4.11
CA PRO A 23 4.04 7.42 -5.55
C PRO A 23 3.27 6.15 -5.90
N PRO A 24 2.80 6.08 -7.15
CA PRO A 24 2.04 4.93 -7.65
C PRO A 24 2.91 3.68 -7.81
N HIS A 25 4.08 3.86 -8.41
CA HIS A 25 5.00 2.75 -8.62
C HIS A 25 5.28 2.01 -7.31
N LEU A 26 5.17 2.74 -6.20
CA LEU A 26 5.41 2.15 -4.89
C LEU A 26 4.15 1.46 -4.36
N VAL A 27 3.09 2.23 -4.20
CA VAL A 27 1.82 1.69 -3.70
C VAL A 27 1.41 0.46 -4.50
N GLU A 28 1.38 0.59 -5.82
CA GLU A 28 1.00 -0.51 -6.69
C GLU A 28 1.81 -1.75 -6.37
N ALA A 29 3.04 -1.55 -5.91
CA ALA A 29 3.92 -2.66 -5.57
C ALA A 29 3.64 -3.18 -4.16
N VAL A 30 3.76 -2.29 -3.18
CA VAL A 30 3.52 -2.66 -1.79
C VAL A 30 2.15 -3.30 -1.63
N MET A 31 1.20 -2.88 -2.44
CA MET A 31 -0.16 -3.42 -2.38
C MET A 31 -0.14 -4.93 -2.61
N ARG A 32 0.86 -5.41 -3.32
CA ARG A 32 0.99 -6.83 -3.62
C ARG A 32 1.55 -7.58 -2.41
N ARG A 33 2.10 -6.84 -1.46
CA ARG A 33 2.67 -7.44 -0.26
C ARG A 33 1.61 -7.64 0.81
N PHE A 34 0.76 -6.63 1.00
CA PHE A 34 -0.31 -6.71 1.99
C PHE A 34 -1.68 -6.66 1.32
N PRO A 35 -2.04 -7.74 0.61
CA PRO A 35 -3.32 -7.84 -0.09
C PRO A 35 -4.50 -7.95 0.87
N GLN A 36 -4.20 -8.11 2.16
CA GLN A 36 -5.23 -8.22 3.18
C GLN A 36 -5.24 -7.00 4.09
N LEU A 37 -4.18 -6.21 4.03
CA LEU A 37 -4.06 -5.01 4.85
C LEU A 37 -3.66 -3.81 3.99
N LEU A 38 -4.63 -2.96 3.71
CA LEU A 38 -4.39 -1.76 2.91
C LEU A 38 -4.61 -0.49 3.73
N ASP A 39 -3.52 0.06 4.26
CA ASP A 39 -3.60 1.27 5.07
C ASP A 39 -2.61 2.32 4.56
N PRO A 40 -2.92 3.60 4.83
CA PRO A 40 -2.07 4.73 4.42
C PRO A 40 -0.76 4.78 5.18
N GLN A 41 -0.83 4.59 6.49
CA GLN A 41 0.35 4.61 7.33
C GLN A 41 1.12 3.30 7.25
N GLN A 42 0.38 2.19 7.31
CA GLN A 42 0.99 0.87 7.23
C GLN A 42 1.89 0.75 6.00
N LEU A 43 1.32 1.01 4.83
CA LEU A 43 2.06 0.93 3.58
C LEU A 43 3.35 1.76 3.66
N ALA A 44 3.30 2.82 4.45
CA ALA A 44 4.46 3.69 4.61
C ALA A 44 5.62 2.94 5.26
N ALA A 45 5.31 2.05 6.17
CA ALA A 45 6.34 1.26 6.86
C ALA A 45 7.04 0.33 5.89
N GLU A 46 6.27 -0.51 5.20
CA GLU A 46 6.83 -1.46 4.25
C GLU A 46 7.72 -0.75 3.24
N ILE A 47 7.23 0.35 2.68
CA ILE A 47 7.98 1.12 1.70
C ILE A 47 9.30 1.60 2.28
N LEU A 48 9.26 2.12 3.50
CA LEU A 48 10.46 2.62 4.16
C LEU A 48 11.55 1.55 4.17
N SER A 49 11.16 0.31 4.43
CA SER A 49 12.11 -0.80 4.46
C SER A 49 12.45 -1.27 3.05
N TYR A 50 11.47 -1.17 2.15
CA TYR A 50 11.66 -1.59 0.76
C TYR A 50 12.72 -0.74 0.08
N LYS A 51 12.67 0.57 0.30
CA LYS A 51 13.63 1.49 -0.29
C LYS A 51 15.03 1.24 0.26
N SER A 52 15.15 1.25 1.57
CA SER A 52 16.43 1.03 2.23
C SER A 52 17.05 -0.29 1.78
N GLN A 53 16.22 -1.33 1.69
CA GLN A 53 16.68 -2.65 1.27
C GLN A 53 17.31 -2.59 -0.11
N HIS A 54 16.79 -1.72 -0.97
CA HIS A 54 17.31 -1.56 -2.32
C HIS A 54 18.00 -0.21 -2.49
N LEU A 55 18.83 0.14 -1.51
CA LEU A 55 19.56 1.41 -1.55
C LEU A 55 21.02 1.18 -1.90
N SER A 56 21.62 2.14 -2.58
CA SER A 56 23.02 2.05 -2.98
C SER A 56 23.94 2.32 -1.80
N GLU A 57 24.78 1.35 -1.47
CA GLU A 57 25.71 1.48 -0.36
C GLU A 57 27.07 2.00 -0.85
N GLY A 1 -8.08 -13.04 4.57
CA GLY A 1 -9.39 -12.45 4.29
C GLY A 1 -9.71 -12.44 2.81
N PRO A 2 -9.97 -13.63 2.25
CA PRO A 2 -10.29 -13.79 0.83
C PRO A 2 -11.67 -13.22 0.49
N HIS A 3 -12.55 -13.19 1.48
CA HIS A 3 -13.90 -12.68 1.29
C HIS A 3 -13.88 -11.22 0.83
N MET A 4 -14.57 -10.94 -0.26
CA MET A 4 -14.63 -9.59 -0.80
C MET A 4 -16.01 -8.97 -0.60
N GLY A 5 -16.07 -7.64 -0.64
CA GLY A 5 -17.34 -6.95 -0.47
C GLY A 5 -17.18 -5.61 0.21
N ASP A 6 -16.48 -5.60 1.35
CA ASP A 6 -16.25 -4.37 2.10
C ASP A 6 -14.80 -3.94 2.00
N LEU A 7 -13.90 -4.92 1.87
CA LEU A 7 -12.48 -4.64 1.79
C LEU A 7 -12.19 -3.61 0.69
N ALA A 8 -12.95 -3.68 -0.39
CA ALA A 8 -12.79 -2.75 -1.50
C ALA A 8 -12.91 -1.30 -1.03
N LYS A 9 -13.72 -1.08 0.00
CA LYS A 9 -13.92 0.25 0.55
C LYS A 9 -12.63 0.80 1.14
N GLU A 10 -11.84 -0.09 1.74
CA GLU A 10 -10.57 0.31 2.35
C GLU A 10 -9.56 0.73 1.28
N ARG A 11 -9.29 -0.17 0.35
CA ARG A 11 -8.34 0.10 -0.72
C ARG A 11 -8.79 1.30 -1.55
N ALA A 12 -10.09 1.55 -1.54
CA ALA A 12 -10.65 2.68 -2.29
C ALA A 12 -10.27 4.01 -1.66
N GLY A 13 -10.54 4.14 -0.35
CA GLY A 13 -10.22 5.36 0.35
C GLY A 13 -8.73 5.49 0.64
N VAL A 14 -8.14 4.43 1.17
CA VAL A 14 -6.72 4.44 1.50
C VAL A 14 -5.88 4.87 0.30
N TYR A 15 -6.09 4.21 -0.83
CA TYR A 15 -5.35 4.52 -2.05
C TYR A 15 -5.43 6.01 -2.36
N THR A 16 -6.60 6.59 -2.15
CA THR A 16 -6.81 8.01 -2.40
C THR A 16 -5.80 8.87 -1.65
N LYS A 17 -5.60 8.54 -0.38
CA LYS A 17 -4.66 9.28 0.45
C LYS A 17 -3.22 8.87 0.14
N LEU A 18 -3.02 7.59 -0.16
CA LEU A 18 -1.69 7.07 -0.48
C LEU A 18 -1.08 7.84 -1.64
N CYS A 19 -1.93 8.41 -2.48
CA CYS A 19 -1.47 9.18 -3.64
C CYS A 19 -0.80 10.48 -3.19
N GLY A 20 -1.14 10.93 -1.99
CA GLY A 20 -0.58 12.16 -1.46
C GLY A 20 0.57 11.90 -0.49
N VAL A 21 0.79 10.63 -0.17
CA VAL A 21 1.85 10.26 0.76
C VAL A 21 2.97 9.50 0.04
N PHE A 22 2.62 8.86 -1.07
CA PHE A 22 3.60 8.11 -1.84
C PHE A 22 3.13 7.96 -3.29
N PRO A 23 4.09 7.66 -4.19
CA PRO A 23 3.80 7.49 -5.62
C PRO A 23 3.02 6.21 -5.90
N PRO A 24 2.51 6.10 -7.14
CA PRO A 24 1.72 4.93 -7.56
C PRO A 24 2.59 3.68 -7.69
N HIS A 25 3.75 3.82 -8.32
CA HIS A 25 4.66 2.70 -8.51
C HIS A 25 4.99 2.04 -7.18
N LEU A 26 4.88 2.81 -6.10
CA LEU A 26 5.18 2.30 -4.76
C LEU A 26 3.97 1.56 -4.19
N VAL A 27 2.87 2.28 -4.04
CA VAL A 27 1.64 1.69 -3.50
C VAL A 27 1.22 0.47 -4.30
N GLU A 28 1.22 0.60 -5.62
CA GLU A 28 0.83 -0.50 -6.50
C GLU A 28 1.69 -1.74 -6.21
N ALA A 29 2.92 -1.52 -5.79
CA ALA A 29 3.83 -2.61 -5.49
C ALA A 29 3.60 -3.14 -4.08
N VAL A 30 3.74 -2.26 -3.08
CA VAL A 30 3.55 -2.62 -1.69
C VAL A 30 2.20 -3.30 -1.49
N MET A 31 1.18 -2.81 -2.18
CA MET A 31 -0.17 -3.36 -2.06
C MET A 31 -0.17 -4.84 -2.44
N ARG A 32 0.78 -5.24 -3.29
CA ARG A 32 0.89 -6.62 -3.72
C ARG A 32 1.43 -7.50 -2.61
N ARG A 33 1.87 -6.88 -1.52
CA ARG A 33 2.42 -7.61 -0.39
C ARG A 33 1.35 -7.81 0.70
N PHE A 34 0.53 -6.79 0.91
CA PHE A 34 -0.53 -6.84 1.91
C PHE A 34 -1.90 -6.82 1.25
N PRO A 35 -2.29 -7.96 0.64
CA PRO A 35 -3.58 -8.08 -0.03
C PRO A 35 -4.75 -8.10 0.95
N GLN A 36 -4.43 -8.18 2.24
CA GLN A 36 -5.46 -8.20 3.27
C GLN A 36 -5.40 -6.94 4.12
N LEU A 37 -4.31 -6.19 4.00
CA LEU A 37 -4.12 -4.96 4.75
C LEU A 37 -3.75 -3.81 3.83
N LEU A 38 -4.58 -2.78 3.80
CA LEU A 38 -4.34 -1.60 2.96
C LEU A 38 -4.51 -0.32 3.76
N ASP A 39 -3.39 0.23 4.25
CA ASP A 39 -3.42 1.45 5.02
C ASP A 39 -2.43 2.47 4.46
N PRO A 40 -2.71 3.76 4.67
CA PRO A 40 -1.85 4.85 4.21
C PRO A 40 -0.53 4.91 4.97
N GLN A 41 -0.62 4.87 6.29
CA GLN A 41 0.58 4.93 7.13
C GLN A 41 1.25 3.57 7.21
N GLN A 42 0.47 2.55 7.56
CA GLN A 42 0.99 1.19 7.67
C GLN A 42 1.86 0.84 6.46
N LEU A 43 1.27 0.95 5.28
CA LEU A 43 1.98 0.65 4.04
C LEU A 43 3.32 1.38 3.98
N ALA A 44 3.31 2.63 4.44
CA ALA A 44 4.53 3.44 4.44
C ALA A 44 5.68 2.69 5.10
N ALA A 45 5.42 2.14 6.27
CA ALA A 45 6.44 1.40 7.01
C ALA A 45 7.10 0.35 6.13
N GLU A 46 6.30 -0.29 5.28
CA GLU A 46 6.81 -1.32 4.38
C GLU A 46 7.64 -0.71 3.26
N ILE A 47 7.26 0.50 2.84
CA ILE A 47 7.97 1.20 1.77
C ILE A 47 9.36 1.63 2.22
N LEU A 48 9.46 2.09 3.47
CA LEU A 48 10.73 2.54 4.02
C LEU A 48 11.74 1.39 4.04
N SER A 49 11.25 0.18 4.31
CA SER A 49 12.12 -1.00 4.35
C SER A 49 12.43 -1.50 2.95
N TYR A 50 11.39 -1.56 2.12
CA TYR A 50 11.54 -2.03 0.74
C TYR A 50 12.61 -1.22 0.00
N LYS A 51 12.59 0.09 0.20
CA LYS A 51 13.55 0.98 -0.44
C LYS A 51 14.93 0.85 0.21
N SER A 52 14.97 0.99 1.53
CA SER A 52 16.22 0.88 2.27
C SER A 52 16.93 -0.43 1.97
N GLN A 53 16.14 -1.46 1.68
CA GLN A 53 16.70 -2.78 1.37
C GLN A 53 17.44 -2.76 0.04
N HIS A 54 16.91 -2.00 -0.92
CA HIS A 54 17.52 -1.91 -2.24
C HIS A 54 18.07 -0.49 -2.47
N LEU A 55 18.77 0.04 -1.48
CA LEU A 55 19.34 1.37 -1.58
C LEU A 55 20.78 1.32 -2.11
N SER A 56 21.08 2.19 -3.07
CA SER A 56 22.42 2.24 -3.65
C SER A 56 23.30 3.23 -2.92
N GLU A 57 24.53 2.84 -2.64
CA GLU A 57 25.47 3.70 -1.94
C GLU A 57 26.92 3.25 -2.19
N GLY A 1 -27.73 -15.53 -3.15
CA GLY A 1 -26.35 -15.63 -3.60
C GLY A 1 -25.69 -14.28 -3.72
N PRO A 2 -25.45 -13.62 -2.57
CA PRO A 2 -24.80 -12.31 -2.52
C PRO A 2 -23.33 -12.36 -2.91
N HIS A 3 -22.67 -11.21 -2.89
CA HIS A 3 -21.26 -11.13 -3.24
C HIS A 3 -20.45 -10.57 -2.08
N MET A 4 -19.13 -10.76 -2.14
CA MET A 4 -18.24 -10.28 -1.09
C MET A 4 -17.32 -9.20 -1.62
N GLY A 5 -16.39 -8.74 -0.78
CA GLY A 5 -15.46 -7.70 -1.18
C GLY A 5 -15.69 -6.41 -0.43
N ASP A 6 -15.52 -6.45 0.89
CA ASP A 6 -15.70 -5.26 1.71
C ASP A 6 -14.45 -4.41 1.75
N LEU A 7 -13.30 -5.07 1.59
CA LEU A 7 -12.01 -4.37 1.59
C LEU A 7 -11.97 -3.28 0.54
N ALA A 8 -12.77 -3.45 -0.52
CA ALA A 8 -12.83 -2.48 -1.60
C ALA A 8 -13.09 -1.07 -1.06
N LYS A 9 -13.81 -0.99 0.05
CA LYS A 9 -14.13 0.28 0.67
C LYS A 9 -12.88 0.91 1.28
N GLU A 10 -12.03 0.09 1.88
CA GLU A 10 -10.81 0.57 2.51
C GLU A 10 -9.82 1.07 1.45
N ARG A 11 -9.42 0.19 0.55
CA ARG A 11 -8.48 0.54 -0.51
C ARG A 11 -8.95 1.79 -1.26
N ALA A 12 -10.27 1.89 -1.43
CA ALA A 12 -10.85 3.03 -2.13
C ALA A 12 -10.36 4.35 -1.53
N GLY A 13 -10.62 4.54 -0.25
CA GLY A 13 -10.21 5.77 0.42
C GLY A 13 -8.72 5.79 0.71
N VAL A 14 -8.21 4.68 1.23
CA VAL A 14 -6.78 4.59 1.56
C VAL A 14 -5.92 4.98 0.36
N TYR A 15 -6.13 4.29 -0.76
CA TYR A 15 -5.37 4.57 -1.97
C TYR A 15 -5.41 6.05 -2.32
N THR A 16 -6.56 6.67 -2.12
CA THR A 16 -6.73 8.09 -2.41
C THR A 16 -5.69 8.93 -1.66
N LYS A 17 -5.49 8.61 -0.38
CA LYS A 17 -4.54 9.33 0.44
C LYS A 17 -3.11 8.89 0.13
N LEU A 18 -2.94 7.61 -0.17
CA LEU A 18 -1.63 7.06 -0.49
C LEU A 18 -0.99 7.81 -1.66
N CYS A 19 -1.84 8.38 -2.50
CA CYS A 19 -1.36 9.14 -3.66
C CYS A 19 -0.67 10.43 -3.23
N GLY A 20 -0.99 10.88 -2.02
CA GLY A 20 -0.40 12.11 -1.51
C GLY A 20 0.73 11.84 -0.53
N VAL A 21 0.94 10.57 -0.22
CA VAL A 21 1.99 10.17 0.71
C VAL A 21 3.10 9.39 0.00
N PHE A 22 2.74 8.74 -1.10
CA PHE A 22 3.69 7.96 -1.87
C PHE A 22 3.22 7.80 -3.31
N PRO A 23 4.17 7.47 -4.21
CA PRO A 23 3.88 7.28 -5.64
C PRO A 23 3.06 6.02 -5.89
N PRO A 24 2.55 5.89 -7.13
CA PRO A 24 1.75 4.73 -7.53
C PRO A 24 2.58 3.47 -7.64
N HIS A 25 3.75 3.58 -8.27
CA HIS A 25 4.64 2.44 -8.45
C HIS A 25 4.97 1.79 -7.10
N LEU A 26 4.88 2.58 -6.03
CA LEU A 26 5.17 2.09 -4.69
C LEU A 26 3.95 1.39 -4.10
N VAL A 27 2.85 2.13 -3.95
CA VAL A 27 1.63 1.58 -3.40
C VAL A 27 1.17 0.35 -4.17
N GLU A 28 1.14 0.47 -5.50
CA GLU A 28 0.73 -0.62 -6.36
C GLU A 28 1.56 -1.88 -6.07
N ALA A 29 2.80 -1.69 -5.65
CA ALA A 29 3.68 -2.81 -5.32
C ALA A 29 3.45 -3.30 -3.91
N VAL A 30 3.62 -2.41 -2.94
CA VAL A 30 3.42 -2.76 -1.54
C VAL A 30 2.05 -3.40 -1.32
N MET A 31 1.04 -2.87 -1.99
CA MET A 31 -0.31 -3.39 -1.87
C MET A 31 -0.35 -4.88 -2.22
N ARG A 32 0.58 -5.31 -3.06
CA ARG A 32 0.65 -6.71 -3.47
C ARG A 32 1.07 -7.60 -2.31
N ARG A 33 1.65 -7.00 -1.28
CA ARG A 33 2.11 -7.73 -0.11
C ARG A 33 0.99 -7.85 0.92
N PHE A 34 0.21 -6.79 1.06
CA PHE A 34 -0.89 -6.77 2.02
C PHE A 34 -2.24 -6.71 1.30
N PRO A 35 -2.65 -7.86 0.72
CA PRO A 35 -3.91 -7.97 0.00
C PRO A 35 -5.13 -7.88 0.92
N GLN A 36 -4.87 -8.00 2.23
CA GLN A 36 -5.95 -7.96 3.22
C GLN A 36 -5.82 -6.69 4.06
N LEU A 37 -4.67 -6.04 3.99
CA LEU A 37 -4.44 -4.82 4.76
C LEU A 37 -4.03 -3.67 3.84
N LEU A 38 -4.84 -2.62 3.82
CA LEU A 38 -4.56 -1.45 2.99
C LEU A 38 -4.67 -0.16 3.80
N ASP A 39 -3.53 0.33 4.27
CA ASP A 39 -3.50 1.55 5.06
C ASP A 39 -2.47 2.53 4.49
N PRO A 40 -2.72 3.83 4.70
CA PRO A 40 -1.83 4.90 4.22
C PRO A 40 -0.51 4.93 4.97
N GLN A 41 -0.58 4.90 6.30
CA GLN A 41 0.61 4.93 7.13
C GLN A 41 1.24 3.55 7.22
N GLN A 42 0.43 2.55 7.58
CA GLN A 42 0.91 1.18 7.70
C GLN A 42 1.76 0.79 6.49
N LEU A 43 1.18 0.92 5.31
CA LEU A 43 1.88 0.58 4.07
C LEU A 43 3.23 1.29 4.00
N ALA A 44 3.26 2.53 4.45
CA ALA A 44 4.50 3.32 4.44
C ALA A 44 5.63 2.55 5.11
N ALA A 45 5.37 2.03 6.31
CA ALA A 45 6.38 1.27 7.05
C ALA A 45 6.98 0.17 6.18
N GLU A 46 6.17 -0.38 5.29
CA GLU A 46 6.63 -1.45 4.41
C GLU A 46 7.49 -0.89 3.28
N ILE A 47 7.17 0.33 2.85
CA ILE A 47 7.91 0.98 1.78
C ILE A 47 9.33 1.33 2.22
N LEU A 48 9.43 1.94 3.41
CA LEU A 48 10.72 2.33 3.95
C LEU A 48 11.70 1.16 3.96
N SER A 49 11.17 -0.04 4.19
CA SER A 49 12.00 -1.24 4.23
C SER A 49 12.34 -1.70 2.81
N TYR A 50 11.44 -1.42 1.87
CA TYR A 50 11.65 -1.81 0.48
C TYR A 50 12.71 -0.93 -0.17
N LYS A 51 12.67 0.36 0.14
CA LYS A 51 13.63 1.31 -0.43
C LYS A 51 15.02 1.10 0.18
N SER A 52 15.07 0.99 1.50
CA SER A 52 16.33 0.80 2.19
C SER A 52 17.08 -0.41 1.64
N GLN A 53 16.32 -1.40 1.19
CA GLN A 53 16.91 -2.61 0.63
C GLN A 53 17.80 -2.30 -0.55
N HIS A 54 17.50 -1.20 -1.25
CA HIS A 54 18.27 -0.78 -2.41
C HIS A 54 19.25 0.33 -2.02
N LEU A 55 19.74 0.29 -0.80
CA LEU A 55 20.68 1.29 -0.30
C LEU A 55 21.93 0.62 0.26
N SER A 56 21.73 -0.48 0.98
CA SER A 56 22.85 -1.21 1.59
C SER A 56 22.45 -2.65 1.87
N GLU A 57 23.41 -3.56 1.69
CA GLU A 57 23.16 -4.99 1.93
C GLU A 57 22.89 -5.25 3.40
N GLY A 1 -16.13 -14.29 1.59
CA GLY A 1 -17.16 -14.49 2.61
C GLY A 1 -18.55 -14.26 2.06
N PRO A 2 -19.55 -14.23 2.96
CA PRO A 2 -20.96 -14.03 2.58
C PRO A 2 -21.22 -12.61 2.11
N HIS A 3 -20.42 -11.67 2.58
CA HIS A 3 -20.58 -10.26 2.20
C HIS A 3 -20.07 -10.03 0.79
N MET A 4 -20.60 -9.00 0.14
CA MET A 4 -20.20 -8.67 -1.22
C MET A 4 -18.72 -8.29 -1.28
N GLY A 5 -18.30 -7.39 -0.39
CA GLY A 5 -16.92 -6.96 -0.35
C GLY A 5 -16.75 -5.59 0.27
N ASP A 6 -16.59 -5.56 1.59
CA ASP A 6 -16.42 -4.30 2.31
C ASP A 6 -14.99 -3.79 2.17
N LEU A 7 -14.03 -4.71 2.18
CA LEU A 7 -12.62 -4.35 2.04
C LEU A 7 -12.39 -3.46 0.83
N ALA A 8 -13.20 -3.66 -0.21
CA ALA A 8 -13.08 -2.88 -1.43
C ALA A 8 -13.17 -1.39 -1.13
N LYS A 9 -13.95 -1.03 -0.12
CA LYS A 9 -14.12 0.36 0.28
C LYS A 9 -12.85 0.91 0.90
N GLU A 10 -12.14 0.06 1.65
CA GLU A 10 -10.91 0.45 2.30
C GLU A 10 -9.88 0.91 1.28
N ARG A 11 -9.50 0.00 0.38
CA ARG A 11 -8.51 0.30 -0.65
C ARG A 11 -8.90 1.58 -1.40
N ALA A 12 -10.20 1.75 -1.65
CA ALA A 12 -10.69 2.93 -2.35
C ALA A 12 -10.18 4.21 -1.71
N GLY A 13 -10.53 4.42 -0.44
CA GLY A 13 -10.10 5.61 0.27
C GLY A 13 -8.61 5.59 0.57
N VAL A 14 -8.13 4.46 1.10
CA VAL A 14 -6.72 4.33 1.44
C VAL A 14 -5.83 4.71 0.27
N TYR A 15 -6.03 4.04 -0.87
CA TYR A 15 -5.23 4.31 -2.06
C TYR A 15 -5.25 5.81 -2.40
N THR A 16 -6.42 6.42 -2.27
CA THR A 16 -6.57 7.84 -2.55
C THR A 16 -5.56 8.68 -1.76
N LYS A 17 -5.38 8.31 -0.49
CA LYS A 17 -4.45 9.03 0.38
C LYS A 17 -3.01 8.62 0.08
N LEU A 18 -2.83 7.38 -0.36
CA LEU A 18 -1.50 6.88 -0.68
C LEU A 18 -0.82 7.75 -1.73
N CYS A 19 -1.62 8.36 -2.60
CA CYS A 19 -1.09 9.23 -3.64
C CYS A 19 -0.44 10.47 -3.04
N GLY A 20 -0.73 10.72 -1.77
CA GLY A 20 -0.17 11.88 -1.10
C GLY A 20 0.91 11.51 -0.09
N VAL A 21 1.16 10.21 0.05
CA VAL A 21 2.16 9.72 0.98
C VAL A 21 3.28 8.98 0.25
N PHE A 22 2.95 8.42 -0.89
CA PHE A 22 3.93 7.68 -1.70
C PHE A 22 3.49 7.60 -3.16
N PRO A 23 4.46 7.34 -4.05
CA PRO A 23 4.20 7.23 -5.49
C PRO A 23 3.40 5.99 -5.85
N PRO A 24 2.93 5.93 -7.10
CA PRO A 24 2.14 4.79 -7.60
C PRO A 24 2.97 3.52 -7.74
N HIS A 25 4.15 3.66 -8.33
CA HIS A 25 5.04 2.51 -8.52
C HIS A 25 5.29 1.80 -7.20
N LEU A 26 5.19 2.54 -6.10
CA LEU A 26 5.41 1.97 -4.78
C LEU A 26 4.14 1.29 -4.26
N VAL A 27 3.08 2.08 -4.11
CA VAL A 27 1.80 1.57 -3.62
C VAL A 27 1.38 0.33 -4.41
N GLU A 28 1.37 0.45 -5.73
CA GLU A 28 0.98 -0.66 -6.59
C GLU A 28 1.78 -1.91 -6.26
N ALA A 29 3.01 -1.72 -5.78
CA ALA A 29 3.87 -2.83 -5.43
C ALA A 29 3.57 -3.33 -4.02
N VAL A 30 3.69 -2.44 -3.04
CA VAL A 30 3.43 -2.79 -1.64
C VAL A 30 2.05 -3.43 -1.49
N MET A 31 1.09 -2.95 -2.26
CA MET A 31 -0.27 -3.47 -2.21
C MET A 31 -0.28 -4.97 -2.51
N ARG A 32 0.70 -5.42 -3.27
CA ARG A 32 0.79 -6.83 -3.63
C ARG A 32 1.32 -7.66 -2.46
N ARG A 33 1.89 -6.98 -1.47
CA ARG A 33 2.42 -7.65 -0.29
C ARG A 33 1.34 -7.84 0.77
N PHE A 34 0.55 -6.79 1.00
CA PHE A 34 -0.52 -6.85 1.98
C PHE A 34 -1.88 -6.72 1.31
N PRO A 35 -2.30 -7.79 0.61
CA PRO A 35 -3.58 -7.82 -0.10
C PRO A 35 -4.76 -7.88 0.87
N GLN A 36 -4.47 -8.07 2.15
CA GLN A 36 -5.51 -8.14 3.16
C GLN A 36 -5.47 -6.90 4.07
N LEU A 37 -4.38 -6.16 4.00
CA LEU A 37 -4.23 -4.95 4.80
C LEU A 37 -3.81 -3.76 3.94
N LEU A 38 -4.74 -2.83 3.76
CA LEU A 38 -4.47 -1.64 2.95
C LEU A 38 -4.67 -0.37 3.78
N ASP A 39 -3.56 0.16 4.31
CA ASP A 39 -3.61 1.38 5.11
C ASP A 39 -2.60 2.40 4.61
N PRO A 40 -2.89 3.69 4.86
CA PRO A 40 -2.02 4.78 4.44
C PRO A 40 -0.71 4.83 5.23
N GLN A 41 -0.81 4.63 6.54
CA GLN A 41 0.35 4.63 7.41
C GLN A 41 1.10 3.30 7.34
N GLN A 42 0.34 2.22 7.44
CA GLN A 42 0.93 0.88 7.40
C GLN A 42 1.83 0.72 6.18
N LEU A 43 1.27 0.98 5.00
CA LEU A 43 2.03 0.86 3.76
C LEU A 43 3.33 1.67 3.83
N ALA A 44 3.30 2.74 4.61
CA ALA A 44 4.48 3.59 4.78
C ALA A 44 5.62 2.82 5.45
N ALA A 45 5.27 2.02 6.45
CA ALA A 45 6.27 1.24 7.19
C ALA A 45 6.96 0.24 6.26
N GLU A 46 6.18 -0.47 5.46
CA GLU A 46 6.73 -1.45 4.53
C GLU A 46 7.63 -0.78 3.49
N ILE A 47 7.12 0.27 2.87
CA ILE A 47 7.87 1.00 1.85
C ILE A 47 9.20 1.48 2.41
N LEU A 48 9.19 1.95 3.65
CA LEU A 48 10.40 2.44 4.30
C LEU A 48 11.52 1.40 4.21
N SER A 49 11.16 0.13 4.35
CA SER A 49 12.14 -0.95 4.27
C SER A 49 12.49 -1.28 2.82
N TYR A 50 11.46 -1.36 1.98
CA TYR A 50 11.66 -1.67 0.57
C TYR A 50 12.58 -0.65 -0.09
N LYS A 51 12.45 0.61 0.33
CA LYS A 51 13.28 1.68 -0.22
C LYS A 51 14.72 1.54 0.25
N SER A 52 14.92 1.37 1.55
CA SER A 52 16.25 1.22 2.11
C SER A 52 16.97 0.01 1.51
N GLN A 53 16.19 -1.00 1.13
CA GLN A 53 16.76 -2.21 0.55
C GLN A 53 17.43 -1.91 -0.79
N HIS A 54 16.86 -0.96 -1.52
CA HIS A 54 17.40 -0.56 -2.83
C HIS A 54 17.45 0.95 -2.97
N LEU A 55 18.23 1.59 -2.10
CA LEU A 55 18.38 3.04 -2.13
C LEU A 55 18.88 3.51 -3.49
N SER A 56 20.13 3.19 -3.80
CA SER A 56 20.73 3.58 -5.07
C SER A 56 20.53 2.50 -6.12
N GLU A 57 19.44 2.61 -6.87
CA GLU A 57 19.13 1.64 -7.92
C GLU A 57 20.16 1.70 -9.03
N GLY A 1 -20.59 -3.21 -6.30
CA GLY A 1 -19.92 -4.22 -5.51
C GLY A 1 -20.84 -5.38 -5.15
N PRO A 2 -21.18 -6.20 -6.15
CA PRO A 2 -22.07 -7.36 -5.98
C PRO A 2 -21.39 -8.47 -5.18
N HIS A 3 -20.13 -8.74 -5.50
CA HIS A 3 -19.37 -9.79 -4.81
C HIS A 3 -19.13 -9.40 -3.35
N MET A 4 -19.39 -10.35 -2.45
CA MET A 4 -19.19 -10.11 -1.03
C MET A 4 -17.77 -9.62 -0.75
N GLY A 5 -17.66 -8.36 -0.36
CA GLY A 5 -16.35 -7.78 -0.07
C GLY A 5 -16.45 -6.38 0.49
N ASP A 6 -15.65 -6.10 1.51
CA ASP A 6 -15.65 -4.78 2.15
C ASP A 6 -14.30 -4.08 1.92
N LEU A 7 -13.26 -4.87 1.74
CA LEU A 7 -11.92 -4.33 1.53
C LEU A 7 -11.92 -3.30 0.40
N ALA A 8 -12.84 -3.49 -0.56
CA ALA A 8 -12.95 -2.57 -1.69
C ALA A 8 -13.11 -1.13 -1.22
N LYS A 9 -13.88 -0.95 -0.15
CA LYS A 9 -14.12 0.38 0.40
C LYS A 9 -12.84 0.97 0.99
N GLU A 10 -12.12 0.14 1.76
CA GLU A 10 -10.88 0.58 2.39
C GLU A 10 -9.87 1.01 1.34
N ARG A 11 -9.51 0.09 0.45
CA ARG A 11 -8.54 0.37 -0.60
C ARG A 11 -8.93 1.62 -1.37
N ALA A 12 -10.23 1.83 -1.53
CA ALA A 12 -10.74 3.00 -2.24
C ALA A 12 -10.21 4.29 -1.64
N GLY A 13 -10.53 4.51 -0.37
CA GLY A 13 -10.08 5.72 0.31
C GLY A 13 -8.60 5.69 0.61
N VAL A 14 -8.12 4.56 1.13
CA VAL A 14 -6.71 4.41 1.46
C VAL A 14 -5.82 4.80 0.28
N TYR A 15 -6.03 4.14 -0.84
CA TYR A 15 -5.25 4.40 -2.05
C TYR A 15 -5.27 5.88 -2.39
N THR A 16 -6.44 6.51 -2.24
CA THR A 16 -6.60 7.92 -2.53
C THR A 16 -5.60 8.77 -1.76
N LYS A 17 -5.41 8.43 -0.48
CA LYS A 17 -4.47 9.16 0.37
C LYS A 17 -3.03 8.74 0.06
N LEU A 18 -2.86 7.50 -0.37
CA LEU A 18 -1.54 6.97 -0.69
C LEU A 18 -0.84 7.84 -1.73
N CYS A 19 -1.64 8.47 -2.59
CA CYS A 19 -1.10 9.34 -3.63
C CYS A 19 -0.43 10.57 -3.02
N GLY A 20 -0.72 10.82 -1.76
CA GLY A 20 -0.13 11.97 -1.07
C GLY A 20 0.94 11.57 -0.07
N VAL A 21 1.18 10.26 0.04
CA VAL A 21 2.18 9.75 0.96
C VAL A 21 3.28 9.02 0.22
N PHE A 22 2.95 8.44 -0.93
CA PHE A 22 3.91 7.70 -1.73
C PHE A 22 3.46 7.63 -3.19
N PRO A 23 4.42 7.36 -4.09
CA PRO A 23 4.14 7.26 -5.52
C PRO A 23 3.34 6.01 -5.87
N PRO A 24 2.86 5.95 -7.13
CA PRO A 24 2.07 4.81 -7.61
C PRO A 24 2.90 3.53 -7.75
N HIS A 25 4.07 3.67 -8.36
CA HIS A 25 4.96 2.53 -8.56
C HIS A 25 5.22 1.80 -7.23
N LEU A 26 5.14 2.55 -6.13
CA LEU A 26 5.36 1.96 -4.81
C LEU A 26 4.09 1.32 -4.28
N VAL A 27 3.04 2.12 -4.12
CA VAL A 27 1.76 1.62 -3.63
C VAL A 27 1.31 0.39 -4.41
N GLU A 28 1.32 0.50 -5.73
CA GLU A 28 0.92 -0.61 -6.60
C GLU A 28 1.69 -1.88 -6.25
N ALA A 29 2.92 -1.71 -5.79
CA ALA A 29 3.76 -2.84 -5.43
C ALA A 29 3.46 -3.31 -4.00
N VAL A 30 3.61 -2.41 -3.03
CA VAL A 30 3.35 -2.74 -1.64
C VAL A 30 1.96 -3.35 -1.47
N MET A 31 1.00 -2.85 -2.24
CA MET A 31 -0.37 -3.35 -2.18
C MET A 31 -0.42 -4.84 -2.46
N ARG A 32 0.56 -5.33 -3.22
CA ARG A 32 0.64 -6.75 -3.57
C ARG A 32 1.17 -7.57 -2.40
N ARG A 33 1.79 -6.89 -1.43
CA ARG A 33 2.35 -7.55 -0.27
C ARG A 33 1.28 -7.75 0.81
N PHE A 34 0.48 -6.72 1.04
CA PHE A 34 -0.58 -6.80 2.05
C PHE A 34 -1.96 -6.68 1.40
N PRO A 35 -2.36 -7.75 0.69
CA PRO A 35 -3.66 -7.80 0.01
C PRO A 35 -4.83 -7.87 0.98
N GLN A 36 -4.52 -8.04 2.25
CA GLN A 36 -5.55 -8.12 3.29
C GLN A 36 -5.52 -6.88 4.18
N LEU A 37 -4.45 -6.11 4.08
CA LEU A 37 -4.31 -4.90 4.88
C LEU A 37 -3.91 -3.71 4.01
N LEU A 38 -4.83 -2.76 3.85
CA LEU A 38 -4.57 -1.58 3.04
C LEU A 38 -4.76 -0.30 3.86
N ASP A 39 -3.65 0.23 4.37
CA ASP A 39 -3.69 1.45 5.17
C ASP A 39 -2.69 2.47 4.65
N PRO A 40 -2.96 3.75 4.90
CA PRO A 40 -2.10 4.86 4.47
C PRO A 40 -0.78 4.89 5.23
N GLN A 41 -0.86 4.71 6.54
CA GLN A 41 0.32 4.72 7.39
C GLN A 41 1.06 3.38 7.32
N GLN A 42 0.30 2.30 7.42
CA GLN A 42 0.89 0.95 7.38
C GLN A 42 1.77 0.79 6.14
N LEU A 43 1.20 1.05 4.98
CA LEU A 43 1.94 0.93 3.72
C LEU A 43 3.26 1.71 3.79
N ALA A 44 3.26 2.79 4.57
CA ALA A 44 4.44 3.62 4.72
C ALA A 44 5.58 2.84 5.40
N ALA A 45 5.23 2.08 6.43
CA ALA A 45 6.21 1.29 7.16
C ALA A 45 6.86 0.26 6.26
N GLU A 46 6.06 -0.41 5.43
CA GLU A 46 6.56 -1.42 4.51
C GLU A 46 7.48 -0.80 3.46
N ILE A 47 7.03 0.30 2.87
CA ILE A 47 7.80 1.00 1.86
C ILE A 47 9.15 1.44 2.40
N LEU A 48 9.17 1.86 3.66
CA LEU A 48 10.39 2.31 4.31
C LEU A 48 11.49 1.25 4.21
N SER A 49 11.09 -0.01 4.30
CA SER A 49 12.04 -1.12 4.21
C SER A 49 12.41 -1.41 2.76
N TYR A 50 11.38 -1.57 1.93
CA TYR A 50 11.59 -1.85 0.51
C TYR A 50 12.48 -0.80 -0.14
N LYS A 51 12.32 0.45 0.29
CA LYS A 51 13.12 1.55 -0.23
C LYS A 51 14.58 1.41 0.16
N SER A 52 14.83 1.29 1.45
CA SER A 52 16.20 1.15 1.96
C SER A 52 16.85 -0.13 1.43
N GLN A 53 16.01 -1.12 1.10
CA GLN A 53 16.50 -2.38 0.58
C GLN A 53 17.25 -2.18 -0.73
N HIS A 54 16.88 -1.14 -1.47
CA HIS A 54 17.51 -0.83 -2.75
C HIS A 54 18.61 0.22 -2.57
N LEU A 55 19.20 0.26 -1.38
CA LEU A 55 20.26 1.21 -1.08
C LEU A 55 21.45 0.52 -0.43
N SER A 56 21.17 -0.42 0.47
CA SER A 56 22.22 -1.15 1.16
C SER A 56 22.52 -2.47 0.45
N GLU A 57 23.71 -2.55 -0.13
CA GLU A 57 24.12 -3.75 -0.84
C GLU A 57 25.20 -4.52 -0.05
N GLY A 1 -19.10 -13.61 -9.86
CA GLY A 1 -17.67 -13.84 -9.74
C GLY A 1 -17.14 -13.49 -8.37
N PRO A 2 -17.04 -12.19 -8.08
CA PRO A 2 -16.54 -11.70 -6.79
C PRO A 2 -17.52 -11.97 -5.65
N HIS A 3 -17.24 -13.03 -4.89
CA HIS A 3 -18.10 -13.41 -3.77
C HIS A 3 -18.03 -12.35 -2.66
N MET A 4 -16.85 -12.19 -2.08
CA MET A 4 -16.66 -11.21 -1.01
C MET A 4 -15.58 -10.19 -1.39
N GLY A 5 -15.90 -8.91 -1.24
CA GLY A 5 -14.96 -7.87 -1.58
C GLY A 5 -15.22 -6.58 -0.82
N ASP A 6 -15.43 -6.70 0.49
CA ASP A 6 -15.70 -5.54 1.32
C ASP A 6 -14.43 -4.70 1.50
N LEU A 7 -13.28 -5.34 1.37
CA LEU A 7 -12.01 -4.64 1.52
C LEU A 7 -11.92 -3.47 0.55
N ALA A 8 -12.65 -3.54 -0.54
CA ALA A 8 -12.66 -2.48 -1.54
C ALA A 8 -12.94 -1.12 -0.90
N LYS A 9 -13.70 -1.14 0.19
CA LYS A 9 -14.05 0.08 0.90
C LYS A 9 -12.80 0.74 1.48
N GLU A 10 -11.95 -0.06 2.11
CA GLU A 10 -10.72 0.45 2.70
C GLU A 10 -9.77 0.99 1.63
N ARG A 11 -9.39 0.11 0.71
CA ARG A 11 -8.48 0.50 -0.37
C ARG A 11 -8.98 1.74 -1.09
N ALA A 12 -10.30 1.84 -1.24
CA ALA A 12 -10.91 2.99 -1.90
C ALA A 12 -10.40 4.29 -1.31
N GLY A 13 -10.61 4.48 -0.01
CA GLY A 13 -10.16 5.69 0.64
C GLY A 13 -8.67 5.70 0.89
N VAL A 14 -8.15 4.59 1.41
CA VAL A 14 -6.73 4.47 1.69
C VAL A 14 -5.89 4.86 0.49
N TYR A 15 -6.12 4.18 -0.63
CA TYR A 15 -5.38 4.45 -1.87
C TYR A 15 -5.43 5.93 -2.21
N THR A 16 -6.61 6.53 -2.08
CA THR A 16 -6.79 7.94 -2.38
C THR A 16 -5.77 8.79 -1.65
N LYS A 17 -5.51 8.47 -0.39
CA LYS A 17 -4.56 9.20 0.43
C LYS A 17 -3.13 8.81 0.06
N LEU A 18 -2.95 7.55 -0.34
CA LEU A 18 -1.64 7.05 -0.72
C LEU A 18 -1.03 7.89 -1.83
N CYS A 19 -1.88 8.46 -2.67
CA CYS A 19 -1.43 9.29 -3.79
C CYS A 19 -0.77 10.55 -3.27
N GLY A 20 -1.01 10.89 -2.01
CA GLY A 20 -0.43 12.07 -1.42
C GLY A 20 0.65 11.75 -0.41
N VAL A 21 0.91 10.46 -0.21
CA VAL A 21 1.93 10.02 0.73
C VAL A 21 3.05 9.28 0.03
N PHE A 22 2.72 8.67 -1.12
CA PHE A 22 3.69 7.92 -1.89
C PHE A 22 3.26 7.81 -3.34
N PRO A 23 4.23 7.52 -4.23
CA PRO A 23 3.98 7.38 -5.67
C PRO A 23 3.17 6.12 -5.99
N PRO A 24 2.70 6.03 -7.25
CA PRO A 24 1.91 4.89 -7.71
C PRO A 24 2.74 3.62 -7.83
N HIS A 25 3.92 3.75 -8.43
CA HIS A 25 4.81 2.61 -8.61
C HIS A 25 5.10 1.93 -7.27
N LEU A 26 4.98 2.69 -6.19
CA LEU A 26 5.23 2.16 -4.86
C LEU A 26 3.98 1.46 -4.31
N VAL A 27 2.89 2.22 -4.16
CA VAL A 27 1.64 1.68 -3.65
C VAL A 27 1.23 0.44 -4.43
N GLU A 28 1.15 0.57 -5.74
CA GLU A 28 0.76 -0.55 -6.61
C GLU A 28 1.61 -1.78 -6.31
N ALA A 29 2.83 -1.56 -5.87
CA ALA A 29 3.74 -2.65 -5.54
C ALA A 29 3.47 -3.18 -4.14
N VAL A 30 3.60 -2.30 -3.15
CA VAL A 30 3.37 -2.68 -1.76
C VAL A 30 2.01 -3.37 -1.59
N MET A 31 1.03 -2.91 -2.36
CA MET A 31 -0.31 -3.48 -2.28
C MET A 31 -0.29 -4.98 -2.54
N ARG A 32 0.73 -5.43 -3.28
CA ARG A 32 0.87 -6.84 -3.60
C ARG A 32 1.33 -7.63 -2.37
N ARG A 33 1.97 -6.94 -1.44
CA ARG A 33 2.46 -7.57 -0.22
C ARG A 33 1.35 -7.69 0.82
N PHE A 34 0.57 -6.62 0.97
CA PHE A 34 -0.52 -6.60 1.93
C PHE A 34 -1.86 -6.52 1.22
N PRO A 35 -2.28 -7.64 0.62
CA PRO A 35 -3.56 -7.72 -0.10
C PRO A 35 -4.76 -7.65 0.83
N GLN A 36 -4.51 -7.82 2.12
CA GLN A 36 -5.57 -7.78 3.12
C GLN A 36 -5.41 -6.58 4.04
N LEU A 37 -4.25 -5.95 3.99
CA LEU A 37 -3.97 -4.78 4.82
C LEU A 37 -3.68 -3.57 3.95
N LEU A 38 -4.59 -2.59 3.96
CA LEU A 38 -4.42 -1.38 3.18
C LEU A 38 -4.59 -0.14 4.06
N ASP A 39 -3.46 0.41 4.51
CA ASP A 39 -3.49 1.60 5.35
C ASP A 39 -2.56 2.68 4.80
N PRO A 40 -2.90 3.95 5.06
CA PRO A 40 -2.11 5.09 4.59
C PRO A 40 -0.78 5.20 5.32
N GLN A 41 -0.81 5.09 6.64
CA GLN A 41 0.40 5.18 7.45
C GLN A 41 1.15 3.86 7.45
N GLN A 42 0.45 2.77 7.74
CA GLN A 42 1.05 1.45 7.78
C GLN A 42 1.87 1.20 6.52
N LEU A 43 1.27 1.44 5.36
CA LEU A 43 1.94 1.24 4.08
C LEU A 43 3.28 1.96 4.07
N ALA A 44 3.34 3.12 4.72
CA ALA A 44 4.57 3.89 4.78
C ALA A 44 5.71 3.08 5.38
N ALA A 45 5.47 2.53 6.56
CA ALA A 45 6.47 1.73 7.24
C ALA A 45 7.02 0.63 6.33
N GLU A 46 6.14 0.03 5.54
CA GLU A 46 6.52 -1.04 4.63
C GLU A 46 7.39 -0.49 3.50
N ILE A 47 6.91 0.56 2.85
CA ILE A 47 7.64 1.18 1.75
C ILE A 47 9.05 1.58 2.18
N LEU A 48 9.16 2.11 3.40
CA LEU A 48 10.44 2.54 3.93
C LEU A 48 11.44 1.37 3.97
N SER A 49 10.92 0.17 4.21
CA SER A 49 11.75 -1.02 4.27
C SER A 49 12.09 -1.52 2.87
N TYR A 50 11.10 -1.49 1.98
CA TYR A 50 11.30 -1.94 0.61
C TYR A 50 12.46 -1.21 -0.05
N LYS A 51 12.53 0.11 0.16
CA LYS A 51 13.59 0.92 -0.40
C LYS A 51 14.94 0.54 0.19
N SER A 52 15.02 0.53 1.51
CA SER A 52 16.26 0.18 2.20
C SER A 52 16.75 -1.20 1.77
N GLN A 53 15.82 -2.05 1.36
CA GLN A 53 16.16 -3.40 0.92
C GLN A 53 16.89 -3.37 -0.42
N HIS A 54 16.60 -2.36 -1.23
CA HIS A 54 17.23 -2.22 -2.54
C HIS A 54 17.76 -0.81 -2.73
N LEU A 55 18.52 -0.32 -1.75
CA LEU A 55 19.09 1.03 -1.82
C LEU A 55 20.59 0.97 -2.10
N SER A 56 21.00 1.60 -3.19
CA SER A 56 22.41 1.62 -3.57
C SER A 56 23.12 2.83 -2.98
N GLU A 57 24.09 2.59 -2.12
CA GLU A 57 24.84 3.65 -1.48
C GLU A 57 26.34 3.42 -1.60
N GLY A 1 -5.55 -13.30 -1.74
CA GLY A 1 -6.73 -12.62 -1.24
C GLY A 1 -7.92 -12.77 -2.16
N PRO A 2 -8.50 -13.98 -2.19
CA PRO A 2 -9.67 -14.29 -3.04
C PRO A 2 -10.93 -13.58 -2.56
N HIS A 3 -11.10 -13.51 -1.24
CA HIS A 3 -12.27 -12.86 -0.65
C HIS A 3 -12.26 -11.37 -0.95
N MET A 4 -13.43 -10.83 -1.29
CA MET A 4 -13.55 -9.41 -1.59
C MET A 4 -14.96 -8.90 -1.27
N GLY A 5 -15.04 -7.88 -0.43
CA GLY A 5 -16.32 -7.32 -0.06
C GLY A 5 -16.20 -5.90 0.46
N ASP A 6 -16.17 -5.77 1.79
CA ASP A 6 -16.05 -4.46 2.42
C ASP A 6 -14.70 -3.82 2.14
N LEU A 7 -13.70 -4.67 1.88
CA LEU A 7 -12.35 -4.19 1.59
C LEU A 7 -12.36 -3.19 0.44
N ALA A 8 -13.34 -3.32 -0.44
CA ALA A 8 -13.48 -2.43 -1.58
C ALA A 8 -13.51 -0.97 -1.13
N LYS A 9 -14.07 -0.72 0.04
CA LYS A 9 -14.17 0.62 0.59
C LYS A 9 -12.85 1.06 1.22
N GLU A 10 -12.06 0.08 1.66
CA GLU A 10 -10.78 0.36 2.28
C GLU A 10 -9.75 0.74 1.23
N ARG A 11 -9.50 -0.15 0.29
CA ARG A 11 -8.53 0.10 -0.77
C ARG A 11 -8.92 1.32 -1.58
N ALA A 12 -10.20 1.64 -1.60
CA ALA A 12 -10.71 2.79 -2.34
C ALA A 12 -10.31 4.09 -1.65
N GLY A 13 -10.61 4.20 -0.36
CA GLY A 13 -10.27 5.40 0.38
C GLY A 13 -8.79 5.50 0.68
N VAL A 14 -8.21 4.41 1.19
CA VAL A 14 -6.80 4.38 1.52
C VAL A 14 -5.94 4.82 0.33
N TYR A 15 -6.15 4.16 -0.81
CA TYR A 15 -5.40 4.47 -2.01
C TYR A 15 -5.46 5.97 -2.32
N THR A 16 -6.64 6.56 -2.14
CA THR A 16 -6.84 7.97 -2.41
C THR A 16 -5.84 8.82 -1.63
N LYS A 17 -5.64 8.49 -0.37
CA LYS A 17 -4.70 9.21 0.47
C LYS A 17 -3.27 8.81 0.17
N LEU A 18 -3.07 7.53 -0.13
CA LEU A 18 -1.74 7.01 -0.45
C LEU A 18 -1.12 7.78 -1.61
N CYS A 19 -1.97 8.32 -2.47
CA CYS A 19 -1.50 9.08 -3.62
C CYS A 19 -0.86 10.39 -3.20
N GLY A 20 -1.20 10.84 -1.98
CA GLY A 20 -0.65 12.08 -1.47
C GLY A 20 0.49 11.85 -0.50
N VAL A 21 0.71 10.59 -0.13
CA VAL A 21 1.79 10.24 0.79
C VAL A 21 2.91 9.51 0.07
N PHE A 22 2.57 8.86 -1.04
CA PHE A 22 3.55 8.11 -1.81
C PHE A 22 3.08 7.93 -3.26
N PRO A 23 4.04 7.66 -4.16
CA PRO A 23 3.76 7.47 -5.58
C PRO A 23 2.99 6.18 -5.85
N PRO A 24 2.48 6.04 -7.08
CA PRO A 24 1.72 4.86 -7.50
C PRO A 24 2.59 3.62 -7.62
N HIS A 25 3.74 3.78 -8.26
CA HIS A 25 4.68 2.68 -8.44
C HIS A 25 5.03 2.03 -7.12
N LEU A 26 4.92 2.81 -6.04
CA LEU A 26 5.24 2.31 -4.70
C LEU A 26 4.04 1.56 -4.11
N VAL A 27 2.93 2.26 -3.96
CA VAL A 27 1.71 1.66 -3.40
C VAL A 27 1.30 0.42 -4.20
N GLU A 28 1.25 0.56 -5.52
CA GLU A 28 0.88 -0.55 -6.39
C GLU A 28 1.74 -1.78 -6.11
N ALA A 29 2.98 -1.54 -5.70
CA ALA A 29 3.91 -2.62 -5.40
C ALA A 29 3.69 -3.15 -3.99
N VAL A 30 3.84 -2.26 -3.00
CA VAL A 30 3.66 -2.65 -1.61
C VAL A 30 2.33 -3.35 -1.39
N MET A 31 1.28 -2.82 -2.01
CA MET A 31 -0.05 -3.41 -1.90
C MET A 31 -0.05 -4.87 -2.32
N ARG A 32 0.89 -5.22 -3.19
CA ARG A 32 1.00 -6.60 -3.67
C ARG A 32 1.42 -7.54 -2.54
N ARG A 33 1.98 -6.97 -1.47
CA ARG A 33 2.43 -7.76 -0.34
C ARG A 33 1.32 -7.89 0.70
N PHE A 34 0.51 -6.84 0.83
CA PHE A 34 -0.60 -6.84 1.78
C PHE A 34 -1.94 -6.82 1.07
N PRO A 35 -2.32 -7.96 0.48
CA PRO A 35 -3.59 -8.11 -0.24
C PRO A 35 -4.80 -8.05 0.68
N GLN A 36 -4.55 -8.17 1.98
CA GLN A 36 -5.62 -8.15 2.97
C GLN A 36 -5.52 -6.90 3.85
N LEU A 37 -4.37 -6.23 3.78
CA LEU A 37 -4.15 -5.01 4.56
C LEU A 37 -3.80 -3.84 3.66
N LEU A 38 -4.63 -2.80 3.68
CA LEU A 38 -4.40 -1.62 2.87
C LEU A 38 -4.55 -0.35 3.71
N ASP A 39 -3.42 0.17 4.17
CA ASP A 39 -3.42 1.38 4.98
C ASP A 39 -2.43 2.41 4.42
N PRO A 40 -2.72 3.69 4.64
CA PRO A 40 -1.87 4.80 4.18
C PRO A 40 -0.55 4.87 4.92
N GLN A 41 -0.62 4.83 6.25
CA GLN A 41 0.58 4.89 7.08
C GLN A 41 1.25 3.52 7.17
N GLN A 42 0.47 2.50 7.52
CA GLN A 42 0.98 1.15 7.64
C GLN A 42 1.84 0.78 6.43
N LEU A 43 1.27 0.93 5.24
CA LEU A 43 1.99 0.62 4.01
C LEU A 43 3.32 1.37 3.94
N ALA A 44 3.32 2.60 4.42
CA ALA A 44 4.52 3.42 4.42
C ALA A 44 5.68 2.69 5.08
N ALA A 45 5.44 2.16 6.27
CA ALA A 45 6.46 1.43 7.00
C ALA A 45 7.10 0.35 6.14
N GLU A 46 6.31 -0.22 5.23
CA GLU A 46 6.80 -1.26 4.33
C GLU A 46 7.65 -0.66 3.21
N ILE A 47 7.29 0.54 2.78
CA ILE A 47 8.02 1.22 1.71
C ILE A 47 9.41 1.61 2.17
N LEU A 48 9.49 2.27 3.32
CA LEU A 48 10.77 2.71 3.86
C LEU A 48 11.75 1.54 3.95
N SER A 49 11.24 0.37 4.29
CA SER A 49 12.07 -0.83 4.41
C SER A 49 12.33 -1.44 3.04
N TYR A 50 11.36 -1.33 2.15
CA TYR A 50 11.48 -1.88 0.80
C TYR A 50 12.56 -1.14 0.02
N LYS A 51 12.64 0.17 0.20
CA LYS A 51 13.63 0.99 -0.49
C LYS A 51 15.02 0.79 0.13
N SER A 52 15.11 0.95 1.45
CA SER A 52 16.36 0.79 2.15
C SER A 52 16.99 -0.58 1.86
N GLN A 53 16.13 -1.57 1.66
CA GLN A 53 16.59 -2.93 1.37
C GLN A 53 17.34 -2.98 0.05
N HIS A 54 17.01 -2.05 -0.84
CA HIS A 54 17.66 -1.99 -2.16
C HIS A 54 18.59 -0.79 -2.25
N LEU A 55 19.28 -0.50 -1.15
CA LEU A 55 20.21 0.62 -1.10
C LEU A 55 21.66 0.14 -1.19
N SER A 56 22.47 0.84 -1.98
CA SER A 56 23.87 0.48 -2.15
C SER A 56 24.78 1.63 -1.70
N GLU A 57 24.46 2.21 -0.55
CA GLU A 57 25.25 3.32 -0.02
C GLU A 57 25.33 4.47 -1.02
N GLY A 1 -10.93 -18.43 5.68
CA GLY A 1 -10.71 -17.37 6.64
C GLY A 1 -10.98 -16.00 6.07
N PRO A 2 -10.09 -15.54 5.18
CA PRO A 2 -10.22 -14.23 4.53
C PRO A 2 -11.38 -14.17 3.55
N HIS A 3 -12.18 -13.11 3.63
CA HIS A 3 -13.32 -12.94 2.74
C HIS A 3 -13.28 -11.58 2.06
N MET A 4 -13.31 -11.59 0.73
CA MET A 4 -13.28 -10.35 -0.04
C MET A 4 -14.70 -9.84 -0.32
N GLY A 5 -14.92 -8.57 -0.02
CA GLY A 5 -16.24 -7.99 -0.23
C GLY A 5 -16.37 -6.60 0.38
N ASP A 6 -15.65 -6.39 1.49
CA ASP A 6 -15.69 -5.10 2.18
C ASP A 6 -14.36 -4.37 2.05
N LEU A 7 -13.27 -5.15 1.97
CA LEU A 7 -11.94 -4.58 1.84
C LEU A 7 -11.87 -3.57 0.70
N ALA A 8 -12.69 -3.79 -0.32
CA ALA A 8 -12.73 -2.89 -1.47
C ALA A 8 -12.98 -1.46 -1.04
N LYS A 9 -13.78 -1.29 0.02
CA LYS A 9 -14.09 0.05 0.53
C LYS A 9 -12.86 0.68 1.18
N GLU A 10 -11.99 -0.15 1.73
CA GLU A 10 -10.78 0.33 2.38
C GLU A 10 -9.80 0.88 1.35
N ARG A 11 -9.37 0.02 0.43
CA ARG A 11 -8.42 0.41 -0.61
C ARG A 11 -8.91 1.67 -1.33
N ALA A 12 -10.22 1.75 -1.53
CA ALA A 12 -10.80 2.90 -2.21
C ALA A 12 -10.34 4.21 -1.58
N GLY A 13 -10.62 4.38 -0.30
CA GLY A 13 -10.22 5.59 0.40
C GLY A 13 -8.74 5.62 0.71
N VAL A 14 -8.22 4.51 1.22
CA VAL A 14 -6.81 4.41 1.56
C VAL A 14 -5.93 4.83 0.38
N TYR A 15 -6.11 4.17 -0.76
CA TYR A 15 -5.34 4.47 -1.95
C TYR A 15 -5.38 5.96 -2.27
N THR A 16 -6.57 6.56 -2.12
CA THR A 16 -6.75 7.98 -2.39
C THR A 16 -5.72 8.82 -1.65
N LYS A 17 -5.48 8.48 -0.38
CA LYS A 17 -4.51 9.20 0.44
C LYS A 17 -3.08 8.78 0.08
N LEU A 18 -2.92 7.53 -0.33
CA LEU A 18 -1.61 7.03 -0.71
C LEU A 18 -0.98 7.88 -1.81
N CYS A 19 -1.83 8.46 -2.65
CA CYS A 19 -1.35 9.31 -3.74
C CYS A 19 -0.70 10.58 -3.20
N GLY A 20 -0.98 10.89 -1.94
CA GLY A 20 -0.41 12.08 -1.33
C GLY A 20 0.67 11.74 -0.31
N VAL A 21 0.93 10.46 -0.12
CA VAL A 21 1.94 10.01 0.82
C VAL A 21 3.07 9.28 0.11
N PHE A 22 2.76 8.69 -1.03
CA PHE A 22 3.74 7.94 -1.82
C PHE A 22 3.32 7.84 -3.28
N PRO A 23 4.29 7.57 -4.16
CA PRO A 23 4.05 7.45 -5.60
C PRO A 23 3.26 6.19 -5.95
N PRO A 24 2.80 6.12 -7.19
CA PRO A 24 2.01 4.97 -7.68
C PRO A 24 2.85 3.71 -7.81
N HIS A 25 4.04 3.85 -8.40
CA HIS A 25 4.93 2.71 -8.59
C HIS A 25 5.22 2.02 -7.26
N LEU A 26 5.08 2.77 -6.16
CA LEU A 26 5.33 2.23 -4.83
C LEU A 26 4.08 1.52 -4.30
N VAL A 27 3.00 2.28 -4.16
CA VAL A 27 1.74 1.73 -3.66
C VAL A 27 1.33 0.49 -4.46
N GLU A 28 1.27 0.64 -5.79
CA GLU A 28 0.89 -0.46 -6.66
C GLU A 28 1.73 -1.69 -6.38
N ALA A 29 2.96 -1.47 -5.91
CA ALA A 29 3.86 -2.57 -5.60
C ALA A 29 3.59 -3.13 -4.21
N VAL A 30 3.71 -2.26 -3.20
CA VAL A 30 3.47 -2.66 -1.82
C VAL A 30 2.12 -3.35 -1.67
N MET A 31 1.12 -2.84 -2.37
CA MET A 31 -0.22 -3.41 -2.32
C MET A 31 -0.20 -4.89 -2.70
N ARG A 32 0.77 -5.27 -3.50
CA ARG A 32 0.91 -6.66 -3.95
C ARG A 32 1.37 -7.55 -2.79
N ARG A 33 1.99 -6.94 -1.79
CA ARG A 33 2.49 -7.68 -0.64
C ARG A 33 1.41 -7.80 0.44
N PHE A 34 0.65 -6.74 0.64
CA PHE A 34 -0.41 -6.73 1.63
C PHE A 34 -1.79 -6.60 0.97
N PRO A 35 -2.23 -7.68 0.32
CA PRO A 35 -3.52 -7.71 -0.38
C PRO A 35 -4.70 -7.69 0.60
N GLN A 36 -4.41 -7.87 1.88
CA GLN A 36 -5.44 -7.87 2.90
C GLN A 36 -5.29 -6.67 3.83
N LEU A 37 -4.13 -6.02 3.76
CA LEU A 37 -3.87 -4.85 4.59
C LEU A 37 -3.56 -3.63 3.73
N LEU A 38 -4.47 -2.66 3.75
CA LEU A 38 -4.29 -1.43 2.97
C LEU A 38 -4.51 -0.21 3.84
N ASP A 39 -3.41 0.36 4.34
CA ASP A 39 -3.48 1.55 5.19
C ASP A 39 -2.54 2.64 4.67
N PRO A 40 -2.90 3.91 4.93
CA PRO A 40 -2.11 5.06 4.50
C PRO A 40 -0.80 5.18 5.27
N GLN A 41 -0.88 5.04 6.59
CA GLN A 41 0.30 5.13 7.44
C GLN A 41 1.08 3.82 7.43
N GLN A 42 0.39 2.72 7.68
CA GLN A 42 1.02 1.40 7.69
C GLN A 42 1.88 1.19 6.45
N LEU A 43 1.29 1.44 5.28
CA LEU A 43 1.99 1.28 4.02
C LEU A 43 3.32 2.04 4.04
N ALA A 44 3.35 3.16 4.75
CA ALA A 44 4.56 3.97 4.85
C ALA A 44 5.69 3.18 5.49
N ALA A 45 5.39 2.50 6.59
CA ALA A 45 6.39 1.71 7.30
C ALA A 45 6.96 0.61 6.40
N GLU A 46 6.09 0.03 5.57
CA GLU A 46 6.50 -1.03 4.66
C GLU A 46 7.41 -0.48 3.56
N ILE A 47 6.95 0.58 2.91
CA ILE A 47 7.72 1.20 1.83
C ILE A 47 9.11 1.61 2.31
N LEU A 48 9.17 2.20 3.51
CA LEU A 48 10.43 2.65 4.09
C LEU A 48 11.43 1.49 4.17
N SER A 49 10.94 0.33 4.58
CA SER A 49 11.78 -0.85 4.70
C SER A 49 12.03 -1.49 3.34
N TYR A 50 11.08 -1.32 2.43
CA TYR A 50 11.20 -1.87 1.08
C TYR A 50 12.26 -1.13 0.28
N LYS A 51 12.42 0.15 0.56
CA LYS A 51 13.40 0.98 -0.14
C LYS A 51 14.83 0.58 0.26
N SER A 52 15.09 0.60 1.56
CA SER A 52 16.41 0.24 2.07
C SER A 52 16.81 -1.17 1.64
N GLN A 53 15.80 -2.02 1.43
CA GLN A 53 16.03 -3.39 1.01
C GLN A 53 16.50 -3.45 -0.45
N HIS A 54 15.86 -2.65 -1.30
CA HIS A 54 16.21 -2.62 -2.71
C HIS A 54 17.17 -1.47 -3.00
N LEU A 55 18.02 -1.16 -2.04
CA LEU A 55 18.99 -0.08 -2.18
C LEU A 55 20.11 -0.48 -3.14
N SER A 56 20.51 0.45 -4.01
CA SER A 56 21.57 0.20 -4.98
C SER A 56 22.87 -0.14 -4.28
N GLU A 57 23.26 -1.42 -4.36
CA GLU A 57 24.49 -1.88 -3.73
C GLU A 57 25.69 -1.06 -4.20
N GLY A 1 -12.06 -15.88 -8.19
CA GLY A 1 -13.48 -15.78 -7.90
C GLY A 1 -13.77 -15.65 -6.41
N PRO A 2 -13.40 -14.51 -5.83
CA PRO A 2 -13.61 -14.24 -4.40
C PRO A 2 -15.08 -14.06 -4.05
N HIS A 3 -15.40 -14.15 -2.77
CA HIS A 3 -16.77 -13.99 -2.30
C HIS A 3 -16.98 -12.62 -1.67
N MET A 4 -16.35 -12.38 -0.53
CA MET A 4 -16.46 -11.11 0.16
C MET A 4 -15.65 -10.03 -0.54
N GLY A 5 -15.96 -8.77 -0.24
CA GLY A 5 -15.24 -7.66 -0.84
C GLY A 5 -15.38 -6.38 -0.06
N ASP A 6 -15.27 -6.48 1.26
CA ASP A 6 -15.38 -5.32 2.13
C ASP A 6 -14.15 -4.42 2.01
N LEU A 7 -13.00 -5.04 1.80
CA LEU A 7 -11.75 -4.29 1.67
C LEU A 7 -11.84 -3.27 0.53
N ALA A 8 -12.73 -3.54 -0.42
CA ALA A 8 -12.92 -2.64 -1.56
C ALA A 8 -13.16 -1.22 -1.09
N LYS A 9 -13.84 -1.07 0.04
CA LYS A 9 -14.13 0.25 0.59
C LYS A 9 -12.89 0.86 1.23
N GLU A 10 -12.04 0.01 1.79
CA GLU A 10 -10.81 0.46 2.43
C GLU A 10 -9.81 0.98 1.40
N ARG A 11 -9.40 0.10 0.49
CA ARG A 11 -8.46 0.46 -0.55
C ARG A 11 -8.92 1.71 -1.30
N ALA A 12 -10.22 1.83 -1.50
CA ALA A 12 -10.79 2.98 -2.20
C ALA A 12 -10.30 4.29 -1.58
N GLY A 13 -10.60 4.49 -0.30
CA GLY A 13 -10.18 5.70 0.38
C GLY A 13 -8.70 5.71 0.69
N VAL A 14 -8.19 4.59 1.21
CA VAL A 14 -6.78 4.48 1.55
C VAL A 14 -5.90 4.88 0.37
N TYR A 15 -6.09 4.20 -0.75
CA TYR A 15 -5.32 4.47 -1.96
C TYR A 15 -5.34 5.96 -2.30
N THR A 16 -6.52 6.56 -2.18
CA THR A 16 -6.68 7.98 -2.47
C THR A 16 -5.65 8.82 -1.72
N LYS A 17 -5.42 8.48 -0.46
CA LYS A 17 -4.46 9.20 0.37
C LYS A 17 -3.03 8.79 0.02
N LEU A 18 -2.86 7.53 -0.38
CA LEU A 18 -1.55 7.02 -0.73
C LEU A 18 -0.92 7.85 -1.84
N CYS A 19 -1.77 8.39 -2.71
CA CYS A 19 -1.29 9.22 -3.83
C CYS A 19 -0.63 10.50 -3.31
N GLY A 20 -0.88 10.82 -2.05
CA GLY A 20 -0.31 12.02 -1.46
C GLY A 20 0.74 11.70 -0.42
N VAL A 21 0.98 10.42 -0.19
CA VAL A 21 1.97 9.98 0.79
C VAL A 21 3.11 9.21 0.11
N PHE A 22 2.81 8.61 -1.03
CA PHE A 22 3.80 7.83 -1.77
C PHE A 22 3.42 7.72 -3.23
N PRO A 23 4.41 7.42 -4.09
CA PRO A 23 4.20 7.27 -5.53
C PRO A 23 3.39 6.01 -5.87
N PRO A 24 2.96 5.91 -7.13
CA PRO A 24 2.17 4.77 -7.61
C PRO A 24 3.01 3.49 -7.69
N HIS A 25 4.21 3.61 -8.26
CA HIS A 25 5.10 2.46 -8.39
C HIS A 25 5.34 1.79 -7.04
N LEU A 26 5.20 2.56 -5.98
CA LEU A 26 5.40 2.04 -4.62
C LEU A 26 4.14 1.37 -4.11
N VAL A 27 3.05 2.12 -4.01
CA VAL A 27 1.78 1.59 -3.53
C VAL A 27 1.35 0.38 -4.36
N GLU A 28 1.31 0.55 -5.67
CA GLU A 28 0.91 -0.53 -6.57
C GLU A 28 1.72 -1.79 -6.30
N ALA A 29 2.95 -1.60 -5.82
CA ALA A 29 3.84 -2.72 -5.52
C ALA A 29 3.55 -3.29 -4.14
N VAL A 30 3.67 -2.44 -3.11
CA VAL A 30 3.41 -2.87 -1.74
C VAL A 30 2.04 -3.52 -1.61
N MET A 31 1.07 -3.01 -2.37
CA MET A 31 -0.29 -3.54 -2.33
C MET A 31 -0.29 -5.02 -2.71
N ARG A 32 0.70 -5.44 -3.49
CA ARG A 32 0.80 -6.83 -3.91
C ARG A 32 1.32 -7.70 -2.77
N ARG A 33 1.74 -7.07 -1.69
CA ARG A 33 2.26 -7.79 -0.53
C ARG A 33 1.20 -7.92 0.55
N PHE A 34 0.45 -6.85 0.76
CA PHE A 34 -0.60 -6.83 1.78
C PHE A 34 -1.97 -6.67 1.13
N PRO A 35 -2.43 -7.72 0.45
CA PRO A 35 -3.74 -7.71 -0.22
C PRO A 35 -4.90 -7.72 0.76
N GLN A 36 -4.59 -7.91 2.05
CA GLN A 36 -5.60 -7.94 3.09
C GLN A 36 -5.49 -6.71 3.99
N LEU A 37 -4.36 -6.01 3.90
CA LEU A 37 -4.13 -4.83 4.71
C LEU A 37 -3.77 -3.63 3.84
N LEU A 38 -4.65 -2.65 3.82
CA LEU A 38 -4.43 -1.44 3.03
C LEU A 38 -4.63 -0.18 3.86
N ASP A 39 -3.54 0.37 4.38
CA ASP A 39 -3.60 1.57 5.20
C ASP A 39 -2.61 2.63 4.70
N PRO A 40 -2.94 3.90 4.94
CA PRO A 40 -2.10 5.02 4.53
C PRO A 40 -0.79 5.10 5.31
N GLN A 41 -0.89 5.02 6.63
CA GLN A 41 0.28 5.08 7.49
C GLN A 41 0.97 3.72 7.56
N GLN A 42 0.20 2.68 7.82
CA GLN A 42 0.73 1.33 7.91
C GLN A 42 1.61 1.00 6.70
N LEU A 43 1.24 1.58 5.56
CA LEU A 43 1.99 1.35 4.32
C LEU A 43 3.34 2.04 4.37
N ALA A 44 3.38 3.25 4.94
CA ALA A 44 4.61 4.00 5.04
C ALA A 44 5.71 3.18 5.71
N ALA A 45 5.33 2.35 6.66
CA ALA A 45 6.28 1.51 7.38
C ALA A 45 6.87 0.45 6.44
N GLU A 46 6.02 -0.22 5.68
CA GLU A 46 6.46 -1.25 4.74
C GLU A 46 7.31 -0.64 3.62
N ILE A 47 6.83 0.48 3.07
CA ILE A 47 7.53 1.16 1.99
C ILE A 47 8.92 1.60 2.44
N LEU A 48 9.08 1.82 3.74
CA LEU A 48 10.36 2.25 4.29
C LEU A 48 11.38 1.11 4.24
N SER A 49 10.88 -0.12 4.33
CA SER A 49 11.74 -1.29 4.29
C SER A 49 12.16 -1.63 2.86
N TYR A 50 11.19 -1.59 1.96
CA TYR A 50 11.45 -1.89 0.55
C TYR A 50 12.45 -0.91 -0.05
N LYS A 51 12.31 0.36 0.32
CA LYS A 51 13.20 1.40 -0.17
C LYS A 51 14.65 1.08 0.17
N SER A 52 14.92 0.86 1.45
CA SER A 52 16.27 0.54 1.90
C SER A 52 16.78 -0.76 1.25
N GLN A 53 15.86 -1.69 1.01
CA GLN A 53 16.21 -2.96 0.40
C GLN A 53 16.77 -2.75 -1.00
N HIS A 54 16.30 -1.70 -1.67
CA HIS A 54 16.77 -1.40 -3.02
C HIS A 54 17.49 -0.05 -3.06
N LEU A 55 18.29 0.20 -2.03
CA LEU A 55 19.05 1.45 -1.93
C LEU A 55 20.28 1.40 -2.83
N SER A 56 20.74 2.57 -3.26
CA SER A 56 21.91 2.67 -4.12
C SER A 56 22.70 3.94 -3.82
N GLU A 57 24.02 3.83 -3.89
CA GLU A 57 24.90 4.96 -3.62
C GLU A 57 25.88 5.17 -4.77
N GLY A 1 -10.96 -10.77 0.93
CA GLY A 1 -11.42 -10.78 -0.44
C GLY A 1 -12.53 -11.77 -0.68
N PRO A 2 -12.19 -13.07 -0.65
CA PRO A 2 -13.16 -14.15 -0.87
C PRO A 2 -14.15 -14.28 0.28
N HIS A 3 -13.81 -13.68 1.42
CA HIS A 3 -14.67 -13.73 2.60
C HIS A 3 -15.68 -12.58 2.59
N MET A 4 -15.20 -11.38 2.88
CA MET A 4 -16.06 -10.20 2.89
C MET A 4 -15.85 -9.36 1.65
N GLY A 5 -16.50 -8.20 1.60
CA GLY A 5 -16.38 -7.32 0.46
C GLY A 5 -16.11 -5.87 0.86
N ASP A 6 -15.54 -5.70 2.04
CA ASP A 6 -15.23 -4.36 2.55
C ASP A 6 -13.83 -3.94 2.13
N LEU A 7 -12.96 -4.93 1.89
CA LEU A 7 -11.59 -4.65 1.48
C LEU A 7 -11.55 -3.72 0.27
N ALA A 8 -12.61 -3.78 -0.55
CA ALA A 8 -12.70 -2.94 -1.74
C ALA A 8 -12.95 -1.49 -1.37
N LYS A 9 -13.68 -1.28 -0.27
CA LYS A 9 -14.00 0.07 0.19
C LYS A 9 -12.79 0.71 0.85
N GLU A 10 -11.95 -0.11 1.48
CA GLU A 10 -10.76 0.38 2.16
C GLU A 10 -9.74 0.91 1.14
N ARG A 11 -9.31 0.04 0.25
CA ARG A 11 -8.34 0.41 -0.77
C ARG A 11 -8.78 1.66 -1.52
N ALA A 12 -10.09 1.77 -1.75
CA ALA A 12 -10.64 2.92 -2.45
C ALA A 12 -10.17 4.22 -1.83
N GLY A 13 -10.48 4.43 -0.55
CA GLY A 13 -10.08 5.63 0.13
C GLY A 13 -8.61 5.64 0.48
N VAL A 14 -8.12 4.52 1.02
CA VAL A 14 -6.72 4.40 1.40
C VAL A 14 -5.81 4.80 0.25
N TYR A 15 -5.96 4.13 -0.88
CA TYR A 15 -5.15 4.39 -2.06
C TYR A 15 -5.18 5.88 -2.41
N THR A 16 -6.37 6.47 -2.35
CA THR A 16 -6.53 7.90 -2.66
C THR A 16 -5.54 8.74 -1.87
N LYS A 17 -5.37 8.41 -0.59
CA LYS A 17 -4.46 9.14 0.27
C LYS A 17 -3.01 8.74 -0.01
N LEU A 18 -2.81 7.50 -0.39
CA LEU A 18 -1.47 6.99 -0.69
C LEU A 18 -0.81 7.84 -1.77
N CYS A 19 -1.61 8.39 -2.66
CA CYS A 19 -1.10 9.24 -3.75
C CYS A 19 -0.47 10.50 -3.19
N GLY A 20 -0.77 10.82 -1.94
CA GLY A 20 -0.23 12.01 -1.32
C GLY A 20 0.79 11.69 -0.24
N VAL A 21 1.04 10.40 -0.02
CA VAL A 21 1.99 9.96 0.98
C VAL A 21 3.15 9.20 0.34
N PHE A 22 2.90 8.60 -0.82
CA PHE A 22 3.92 7.85 -1.53
C PHE A 22 3.58 7.74 -3.01
N PRO A 23 4.61 7.46 -3.83
CA PRO A 23 4.45 7.32 -5.28
C PRO A 23 3.66 6.07 -5.66
N PRO A 24 3.27 5.99 -6.94
CA PRO A 24 2.51 4.84 -7.46
C PRO A 24 3.35 3.57 -7.53
N HIS A 25 4.56 3.69 -8.05
CA HIS A 25 5.47 2.55 -8.17
C HIS A 25 5.66 1.87 -6.82
N LEU A 26 5.48 2.64 -5.74
CA LEU A 26 5.64 2.10 -4.40
C LEU A 26 4.36 1.41 -3.94
N VAL A 27 3.27 2.16 -3.87
CA VAL A 27 1.98 1.63 -3.44
C VAL A 27 1.60 0.41 -4.28
N GLU A 28 1.61 0.57 -5.60
CA GLU A 28 1.25 -0.52 -6.50
C GLU A 28 2.08 -1.77 -6.20
N ALA A 29 3.28 -1.56 -5.67
CA ALA A 29 4.16 -2.66 -5.34
C ALA A 29 3.83 -3.25 -3.97
N VAL A 30 3.90 -2.40 -2.94
CA VAL A 30 3.59 -2.84 -1.58
C VAL A 30 2.22 -3.49 -1.51
N MET A 31 1.28 -2.98 -2.31
CA MET A 31 -0.08 -3.52 -2.33
C MET A 31 -0.07 -5.01 -2.69
N ARG A 32 0.96 -5.43 -3.42
CA ARG A 32 1.09 -6.82 -3.82
C ARG A 32 1.56 -7.69 -2.65
N ARG A 33 1.99 -7.04 -1.58
CA ARG A 33 2.48 -7.75 -0.40
C ARG A 33 1.36 -7.89 0.63
N PHE A 34 0.59 -6.83 0.83
CA PHE A 34 -0.51 -6.84 1.78
C PHE A 34 -1.85 -6.69 1.08
N PRO A 35 -2.27 -7.74 0.37
CA PRO A 35 -3.54 -7.76 -0.36
C PRO A 35 -4.74 -7.78 0.57
N GLN A 36 -4.49 -7.96 1.86
CA GLN A 36 -5.56 -8.00 2.86
C GLN A 36 -5.48 -6.80 3.79
N LEU A 37 -4.35 -6.09 3.75
CA LEU A 37 -4.15 -4.91 4.59
C LEU A 37 -3.77 -3.71 3.74
N LEU A 38 -4.66 -2.72 3.68
CA LEU A 38 -4.42 -1.51 2.91
C LEU A 38 -4.65 -0.27 3.76
N ASP A 39 -3.58 0.28 4.31
CA ASP A 39 -3.68 1.47 5.15
C ASP A 39 -2.68 2.53 4.68
N PRO A 40 -3.03 3.81 4.94
CA PRO A 40 -2.18 4.94 4.55
C PRO A 40 -0.90 5.02 5.38
N GLN A 41 -1.05 4.92 6.69
CA GLN A 41 0.10 4.98 7.60
C GLN A 41 0.80 3.63 7.67
N GLN A 42 0.03 2.58 7.90
CA GLN A 42 0.58 1.23 8.00
C GLN A 42 1.48 0.92 6.81
N LEU A 43 1.14 1.48 5.66
CA LEU A 43 1.92 1.27 4.44
C LEU A 43 3.28 1.97 4.54
N ALA A 44 3.27 3.17 5.11
CA ALA A 44 4.49 3.94 5.26
C ALA A 44 5.58 3.12 5.94
N ALA A 45 5.17 2.19 6.79
CA ALA A 45 6.11 1.32 7.51
C ALA A 45 6.76 0.32 6.56
N GLU A 46 5.94 -0.40 5.81
CA GLU A 46 6.44 -1.40 4.88
C GLU A 46 7.22 -0.74 3.75
N ILE A 47 6.65 0.31 3.17
CA ILE A 47 7.29 1.04 2.08
C ILE A 47 8.70 1.46 2.46
N LEU A 48 8.86 1.91 3.71
CA LEU A 48 10.16 2.35 4.20
C LEU A 48 11.22 1.27 3.98
N SER A 49 10.85 0.02 4.24
CA SER A 49 11.78 -1.10 4.07
C SER A 49 11.86 -1.51 2.60
N TYR A 50 10.70 -1.60 1.96
CA TYR A 50 10.64 -1.99 0.55
C TYR A 50 11.50 -1.06 -0.31
N LYS A 51 11.52 0.21 0.05
CA LYS A 51 12.30 1.20 -0.69
C LYS A 51 13.79 1.04 -0.39
N SER A 52 14.14 1.09 0.90
CA SER A 52 15.53 0.96 1.31
C SER A 52 16.13 -0.34 0.78
N GLN A 53 15.27 -1.33 0.57
CA GLN A 53 15.72 -2.63 0.07
C GLN A 53 16.46 -2.48 -1.26
N HIS A 54 16.02 -1.52 -2.07
CA HIS A 54 16.63 -1.27 -3.37
C HIS A 54 17.50 -0.02 -3.32
N LEU A 55 18.24 0.14 -2.24
CA LEU A 55 19.12 1.29 -2.07
C LEU A 55 20.59 0.88 -2.12
N SER A 56 20.89 -0.30 -1.55
CA SER A 56 22.25 -0.81 -1.52
C SER A 56 22.56 -1.61 -2.79
N GLU A 57 22.44 -0.94 -3.93
CA GLU A 57 22.69 -1.59 -5.22
C GLU A 57 24.16 -1.41 -5.62
N GLY A 1 -22.11 -2.32 -5.51
CA GLY A 1 -21.06 -2.53 -6.48
C GLY A 1 -21.14 -3.89 -7.14
N PRO A 2 -20.28 -4.11 -8.15
CA PRO A 2 -20.24 -5.38 -8.89
C PRO A 2 -19.69 -6.52 -8.04
N HIS A 3 -18.65 -6.22 -7.25
CA HIS A 3 -18.03 -7.22 -6.39
C HIS A 3 -18.51 -7.07 -4.95
N MET A 4 -18.67 -8.19 -4.26
CA MET A 4 -19.11 -8.17 -2.87
C MET A 4 -17.92 -8.24 -1.91
N GLY A 5 -17.79 -7.23 -1.07
CA GLY A 5 -16.70 -7.19 -0.12
C GLY A 5 -16.47 -5.81 0.46
N ASP A 6 -16.18 -5.74 1.75
CA ASP A 6 -15.94 -4.46 2.42
C ASP A 6 -14.52 -3.98 2.16
N LEU A 7 -13.61 -4.91 1.92
CA LEU A 7 -12.21 -4.58 1.65
C LEU A 7 -12.10 -3.56 0.52
N ALA A 8 -13.01 -3.65 -0.44
CA ALA A 8 -13.02 -2.73 -1.58
C ALA A 8 -13.18 -1.29 -1.11
N LYS A 9 -13.92 -1.10 -0.03
CA LYS A 9 -14.16 0.23 0.52
C LYS A 9 -12.89 0.79 1.14
N GLU A 10 -12.14 -0.06 1.83
CA GLU A 10 -10.89 0.36 2.46
C GLU A 10 -9.89 0.85 1.43
N ARG A 11 -9.52 -0.03 0.50
CA ARG A 11 -8.56 0.33 -0.54
C ARG A 11 -8.99 1.59 -1.27
N ALA A 12 -10.30 1.74 -1.49
CA ALA A 12 -10.84 2.91 -2.17
C ALA A 12 -10.35 4.19 -1.52
N GLY A 13 -10.68 4.37 -0.25
CA GLY A 13 -10.26 5.56 0.47
C GLY A 13 -8.77 5.58 0.76
N VAL A 14 -8.25 4.46 1.26
CA VAL A 14 -6.83 4.35 1.58
C VAL A 14 -5.97 4.76 0.40
N TYR A 15 -6.18 4.09 -0.74
CA TYR A 15 -5.41 4.39 -1.94
C TYR A 15 -5.44 5.88 -2.25
N THR A 16 -6.62 6.49 -2.11
CA THR A 16 -6.78 7.90 -2.39
C THR A 16 -5.75 8.73 -1.62
N LYS A 17 -5.52 8.36 -0.36
CA LYS A 17 -4.55 9.07 0.48
C LYS A 17 -3.13 8.68 0.11
N LEU A 18 -2.94 7.44 -0.32
CA LEU A 18 -1.63 6.94 -0.71
C LEU A 18 -1.01 7.81 -1.80
N CYS A 19 -1.87 8.38 -2.64
CA CYS A 19 -1.41 9.23 -3.73
C CYS A 19 -0.76 10.50 -3.18
N GLY A 20 -1.00 10.78 -1.90
CA GLY A 20 -0.44 11.97 -1.28
C GLY A 20 0.64 11.63 -0.28
N VAL A 21 0.92 10.34 -0.10
CA VAL A 21 1.94 9.89 0.84
C VAL A 21 3.06 9.16 0.12
N PHE A 22 2.74 8.57 -1.03
CA PHE A 22 3.72 7.84 -1.81
C PHE A 22 3.29 7.74 -3.28
N PRO A 23 4.26 7.47 -4.16
CA PRO A 23 4.00 7.35 -5.59
C PRO A 23 3.21 6.09 -5.94
N PRO A 24 2.74 6.00 -7.19
CA PRO A 24 1.96 4.86 -7.67
C PRO A 24 2.81 3.59 -7.80
N HIS A 25 3.98 3.74 -8.39
CA HIS A 25 4.88 2.60 -8.59
C HIS A 25 5.18 1.91 -7.25
N LEU A 26 5.05 2.67 -6.16
CA LEU A 26 5.30 2.13 -4.82
C LEU A 26 4.06 1.44 -4.29
N VAL A 27 2.97 2.19 -4.15
CA VAL A 27 1.72 1.64 -3.63
C VAL A 27 1.29 0.41 -4.44
N GLU A 28 1.21 0.59 -5.76
CA GLU A 28 0.81 -0.51 -6.64
C GLU A 28 1.66 -1.75 -6.39
N ALA A 29 2.89 -1.54 -5.95
CA ALA A 29 3.81 -2.63 -5.66
C ALA A 29 3.56 -3.22 -4.28
N VAL A 30 3.69 -2.38 -3.26
CA VAL A 30 3.47 -2.80 -1.88
C VAL A 30 2.10 -3.46 -1.71
N MET A 31 1.14 -3.00 -2.51
CA MET A 31 -0.22 -3.54 -2.45
C MET A 31 -0.22 -5.04 -2.72
N ARG A 32 0.78 -5.51 -3.46
CA ARG A 32 0.89 -6.92 -3.79
C ARG A 32 1.45 -7.71 -2.61
N ARG A 33 1.90 -6.99 -1.58
CA ARG A 33 2.45 -7.63 -0.39
C ARG A 33 1.40 -7.77 0.70
N PHE A 34 0.61 -6.72 0.88
CA PHE A 34 -0.45 -6.72 1.89
C PHE A 34 -1.82 -6.60 1.25
N PRO A 35 -2.24 -7.65 0.55
CA PRO A 35 -3.54 -7.70 -0.13
C PRO A 35 -4.70 -7.77 0.85
N GLN A 36 -4.39 -7.96 2.13
CA GLN A 36 -5.40 -8.04 3.17
C GLN A 36 -5.35 -6.83 4.09
N LEU A 37 -4.26 -6.08 4.01
CA LEU A 37 -4.07 -4.88 4.82
C LEU A 37 -3.70 -3.68 3.97
N LEU A 38 -4.67 -2.78 3.77
CA LEU A 38 -4.44 -1.58 2.97
C LEU A 38 -4.62 -0.32 3.81
N ASP A 39 -3.52 0.22 4.32
CA ASP A 39 -3.55 1.43 5.14
C ASP A 39 -2.58 2.47 4.61
N PRO A 40 -2.88 3.75 4.87
CA PRO A 40 -2.04 4.87 4.44
C PRO A 40 -0.72 4.93 5.20
N GLN A 41 -0.77 4.72 6.51
CA GLN A 41 0.43 4.75 7.34
C GLN A 41 1.18 3.43 7.25
N GLN A 42 0.44 2.33 7.30
CA GLN A 42 1.05 1.01 7.23
C GLN A 42 1.97 0.89 6.02
N LEU A 43 1.44 1.17 4.84
CA LEU A 43 2.21 1.11 3.60
C LEU A 43 3.50 1.90 3.74
N ALA A 44 3.48 2.96 4.55
CA ALA A 44 4.64 3.79 4.76
C ALA A 44 5.77 3.01 5.44
N ALA A 45 5.39 2.13 6.37
CA ALA A 45 6.37 1.31 7.09
C ALA A 45 7.05 0.32 6.15
N GLU A 46 6.27 -0.27 5.25
CA GLU A 46 6.81 -1.24 4.30
C GLU A 46 7.68 -0.56 3.26
N ILE A 47 7.18 0.53 2.70
CA ILE A 47 7.92 1.29 1.69
C ILE A 47 9.24 1.79 2.24
N LEU A 48 9.30 1.97 3.56
CA LEU A 48 10.51 2.45 4.21
C LEU A 48 11.59 1.37 4.21
N SER A 49 11.18 0.13 4.48
CA SER A 49 12.12 -0.99 4.51
C SER A 49 12.43 -1.47 3.10
N TYR A 50 11.41 -1.48 2.25
CA TYR A 50 11.57 -1.93 0.87
C TYR A 50 12.59 -1.06 0.13
N LYS A 51 12.56 0.24 0.41
CA LYS A 51 13.47 1.17 -0.22
C LYS A 51 14.89 1.01 0.32
N SER A 52 15.03 1.09 1.63
CA SER A 52 16.33 0.95 2.28
C SER A 52 16.98 -0.36 1.89
N GLN A 53 16.17 -1.38 1.65
CA GLN A 53 16.67 -2.69 1.27
C GLN A 53 17.33 -2.65 -0.10
N HIS A 54 16.87 -1.72 -0.94
CA HIS A 54 17.41 -1.57 -2.29
C HIS A 54 18.14 -0.24 -2.43
N LEU A 55 18.91 0.11 -1.41
CA LEU A 55 19.67 1.36 -1.41
C LEU A 55 21.13 1.11 -1.83
N SER A 56 21.78 2.14 -2.32
CA SER A 56 23.17 2.04 -2.75
C SER A 56 23.95 3.30 -2.39
N GLU A 57 25.27 3.17 -2.32
CA GLU A 57 26.13 4.30 -1.98
C GLU A 57 25.87 5.48 -2.91
N GLY A 1 -12.09 -20.18 -0.17
CA GLY A 1 -13.46 -20.05 -0.66
C GLY A 1 -13.74 -18.67 -1.21
N PRO A 2 -15.03 -18.39 -1.48
CA PRO A 2 -15.45 -17.10 -2.02
C PRO A 2 -15.31 -15.96 -1.02
N HIS A 3 -14.23 -15.20 -1.14
CA HIS A 3 -13.97 -14.08 -0.24
C HIS A 3 -14.95 -12.95 -0.49
N MET A 4 -15.10 -12.07 0.49
CA MET A 4 -16.01 -10.94 0.37
C MET A 4 -15.35 -9.79 -0.40
N GLY A 5 -16.07 -8.67 -0.50
CA GLY A 5 -15.54 -7.52 -1.21
C GLY A 5 -15.67 -6.24 -0.41
N ASP A 6 -15.58 -6.34 0.90
CA ASP A 6 -15.70 -5.19 1.78
C ASP A 6 -14.43 -4.32 1.72
N LEU A 7 -13.31 -4.97 1.41
CA LEU A 7 -12.03 -4.27 1.32
C LEU A 7 -12.10 -3.13 0.30
N ALA A 8 -13.03 -3.26 -0.65
CA ALA A 8 -13.21 -2.25 -1.69
C ALA A 8 -13.36 -0.86 -1.08
N LYS A 9 -13.95 -0.81 0.12
CA LYS A 9 -14.15 0.46 0.82
C LYS A 9 -12.84 0.99 1.38
N GLU A 10 -12.03 0.09 1.93
CA GLU A 10 -10.74 0.47 2.50
C GLU A 10 -9.76 0.90 1.41
N ARG A 11 -9.48 -0.02 0.50
CA ARG A 11 -8.56 0.25 -0.61
C ARG A 11 -8.98 1.51 -1.37
N ALA A 12 -10.27 1.80 -1.33
CA ALA A 12 -10.81 2.97 -2.02
C ALA A 12 -10.29 4.26 -1.39
N GLY A 13 -10.48 4.39 -0.09
CA GLY A 13 -10.03 5.58 0.62
C GLY A 13 -8.53 5.58 0.87
N VAL A 14 -8.02 4.45 1.36
CA VAL A 14 -6.60 4.31 1.64
C VAL A 14 -5.76 4.71 0.43
N TYR A 15 -6.01 4.06 -0.70
CA TYR A 15 -5.27 4.33 -1.92
C TYR A 15 -5.33 5.81 -2.27
N THR A 16 -6.53 6.40 -2.16
CA THR A 16 -6.71 7.81 -2.46
C THR A 16 -5.70 8.67 -1.71
N LYS A 17 -5.49 8.36 -0.44
CA LYS A 17 -4.55 9.10 0.39
C LYS A 17 -3.11 8.70 0.06
N LEU A 18 -2.92 7.45 -0.34
CA LEU A 18 -1.60 6.95 -0.68
C LEU A 18 -0.95 7.80 -1.77
N CYS A 19 -1.78 8.39 -2.62
CA CYS A 19 -1.31 9.24 -3.70
C CYS A 19 -0.64 10.49 -3.16
N GLY A 20 -0.93 10.82 -1.90
CA GLY A 20 -0.35 11.99 -1.28
C GLY A 20 0.72 11.66 -0.27
N VAL A 21 0.98 10.36 -0.10
CA VAL A 21 1.99 9.91 0.85
C VAL A 21 3.11 9.16 0.14
N PHE A 22 2.79 8.58 -1.01
CA PHE A 22 3.77 7.83 -1.79
C PHE A 22 3.36 7.75 -3.26
N PRO A 23 4.33 7.48 -4.14
CA PRO A 23 4.08 7.36 -5.58
C PRO A 23 3.27 6.11 -5.93
N PRO A 24 2.81 6.04 -7.19
CA PRO A 24 2.02 4.91 -7.68
C PRO A 24 2.85 3.65 -7.82
N HIS A 25 4.03 3.78 -8.41
CA HIS A 25 4.93 2.64 -8.60
C HIS A 25 5.20 1.94 -7.28
N LEU A 26 5.08 2.68 -6.18
CA LEU A 26 5.31 2.13 -4.85
C LEU A 26 4.07 1.42 -4.33
N VAL A 27 2.98 2.18 -4.18
CA VAL A 27 1.73 1.63 -3.69
C VAL A 27 1.32 0.39 -4.49
N GLU A 28 1.28 0.54 -5.81
CA GLU A 28 0.91 -0.57 -6.69
C GLU A 28 1.72 -1.81 -6.38
N ALA A 29 2.95 -1.61 -5.91
CA ALA A 29 3.84 -2.71 -5.57
C ALA A 29 3.55 -3.24 -4.16
N VAL A 30 3.67 -2.35 -3.17
CA VAL A 30 3.42 -2.73 -1.78
C VAL A 30 2.06 -3.39 -1.63
N MET A 31 1.09 -2.95 -2.44
CA MET A 31 -0.25 -3.49 -2.40
C MET A 31 -0.24 -5.00 -2.63
N ARG A 32 0.78 -5.47 -3.34
CA ARG A 32 0.91 -6.89 -3.63
C ARG A 32 1.41 -7.66 -2.42
N ARG A 33 2.00 -6.94 -1.47
CA ARG A 33 2.53 -7.54 -0.25
C ARG A 33 1.43 -7.70 0.79
N PHE A 34 0.63 -6.65 0.96
CA PHE A 34 -0.46 -6.67 1.94
C PHE A 34 -1.82 -6.61 1.24
N PRO A 35 -2.22 -7.75 0.63
CA PRO A 35 -3.50 -7.84 -0.08
C PRO A 35 -4.69 -7.82 0.86
N GLN A 36 -4.42 -7.99 2.16
CA GLN A 36 -5.47 -7.98 3.16
C GLN A 36 -5.34 -6.78 4.08
N LEU A 37 -4.19 -6.11 4.02
CA LEU A 37 -3.95 -4.94 4.84
C LEU A 37 -3.66 -3.71 3.98
N LEU A 38 -4.58 -2.76 4.00
CA LEU A 38 -4.43 -1.53 3.21
C LEU A 38 -4.59 -0.29 4.10
N ASP A 39 -3.46 0.26 4.55
CA ASP A 39 -3.48 1.45 5.39
C ASP A 39 -2.55 2.52 4.84
N PRO A 40 -2.89 3.79 5.10
CA PRO A 40 -2.10 4.94 4.63
C PRO A 40 -0.77 5.05 5.36
N GLN A 41 -0.80 4.93 6.68
CA GLN A 41 0.40 5.03 7.49
C GLN A 41 1.17 3.70 7.48
N GLN A 42 0.46 2.62 7.77
CA GLN A 42 1.07 1.29 7.79
C GLN A 42 1.89 1.05 6.52
N LEU A 43 1.28 1.30 5.37
CA LEU A 43 1.95 1.12 4.09
C LEU A 43 3.30 1.82 4.07
N ALA A 44 3.38 2.95 4.77
CA ALA A 44 4.62 3.72 4.84
C ALA A 44 5.74 2.90 5.45
N ALA A 45 5.48 2.32 6.61
CA ALA A 45 6.47 1.50 7.30
C ALA A 45 7.03 0.42 6.38
N GLU A 46 6.16 -0.11 5.51
CA GLU A 46 6.56 -1.17 4.58
C GLU A 46 7.38 -0.59 3.43
N ILE A 47 6.89 0.52 2.86
CA ILE A 47 7.57 1.17 1.76
C ILE A 47 8.97 1.63 2.16
N LEU A 48 9.05 2.33 3.29
CA LEU A 48 10.32 2.84 3.79
C LEU A 48 11.35 1.72 3.89
N SER A 49 10.89 0.52 4.22
CA SER A 49 11.77 -0.64 4.34
C SER A 49 12.09 -1.22 2.96
N TYR A 50 11.04 -1.49 2.18
CA TYR A 50 11.21 -2.05 0.85
C TYR A 50 12.14 -1.18 0.00
N LYS A 51 12.08 0.13 0.22
CA LYS A 51 12.92 1.06 -0.51
C LYS A 51 14.38 0.89 -0.14
N SER A 52 14.68 0.99 1.16
CA SER A 52 16.04 0.85 1.65
C SER A 52 16.57 -0.55 1.39
N GLN A 53 15.66 -1.52 1.30
CA GLN A 53 16.03 -2.90 1.04
C GLN A 53 16.85 -3.03 -0.23
N HIS A 54 16.54 -2.18 -1.20
CA HIS A 54 17.24 -2.19 -2.49
C HIS A 54 18.25 -1.04 -2.56
N LEU A 55 18.94 -0.79 -1.45
CA LEU A 55 19.93 0.28 -1.40
C LEU A 55 21.33 -0.29 -1.19
N SER A 56 22.29 0.25 -1.94
CA SER A 56 23.68 -0.21 -1.84
C SER A 56 24.46 0.63 -0.84
N GLU A 57 25.64 0.15 -0.47
CA GLU A 57 26.49 0.86 0.49
C GLU A 57 27.91 1.00 -0.04
N GLY A 1 -19.24 -10.94 -5.30
CA GLY A 1 -20.64 -11.34 -5.41
C GLY A 1 -21.12 -12.12 -4.19
N PRO A 2 -20.67 -13.38 -4.09
CA PRO A 2 -21.04 -14.26 -2.98
C PRO A 2 -20.42 -13.82 -1.66
N HIS A 3 -19.15 -13.43 -1.71
CA HIS A 3 -18.43 -12.99 -0.53
C HIS A 3 -18.60 -11.48 -0.32
N MET A 4 -18.26 -11.02 0.88
CA MET A 4 -18.37 -9.60 1.21
C MET A 4 -17.39 -8.78 0.37
N GLY A 5 -17.62 -7.46 0.34
CA GLY A 5 -16.75 -6.59 -0.44
C GLY A 5 -16.36 -5.35 0.35
N ASP A 6 -15.92 -5.53 1.58
CA ASP A 6 -15.51 -4.42 2.43
C ASP A 6 -14.10 -3.96 2.08
N LEU A 7 -13.30 -4.88 1.55
CA LEU A 7 -11.93 -4.56 1.18
C LEU A 7 -11.89 -3.51 0.06
N ALA A 8 -13.01 -3.39 -0.66
CA ALA A 8 -13.10 -2.42 -1.74
C ALA A 8 -13.29 -1.00 -1.20
N LYS A 9 -13.85 -0.90 0.00
CA LYS A 9 -14.08 0.39 0.63
C LYS A 9 -12.80 0.92 1.28
N GLU A 10 -11.92 0.01 1.67
CA GLU A 10 -10.66 0.40 2.29
C GLU A 10 -9.63 0.80 1.24
N ARG A 11 -9.34 -0.12 0.32
CA ARG A 11 -8.38 0.13 -0.74
C ARG A 11 -8.78 1.36 -1.56
N ALA A 12 -10.08 1.65 -1.57
CA ALA A 12 -10.60 2.79 -2.32
C ALA A 12 -10.19 4.10 -1.66
N GLY A 13 -10.47 4.23 -0.37
CA GLY A 13 -10.12 5.44 0.35
C GLY A 13 -8.64 5.53 0.67
N VAL A 14 -8.10 4.44 1.21
CA VAL A 14 -6.68 4.40 1.57
C VAL A 14 -5.81 4.81 0.39
N TYR A 15 -6.02 4.17 -0.75
CA TYR A 15 -5.25 4.47 -1.95
C TYR A 15 -5.25 5.97 -2.24
N THR A 16 -6.42 6.59 -2.08
CA THR A 16 -6.56 8.02 -2.32
C THR A 16 -5.53 8.82 -1.53
N LYS A 17 -5.35 8.45 -0.27
CA LYS A 17 -4.39 9.13 0.59
C LYS A 17 -2.97 8.69 0.27
N LEU A 18 -2.81 7.43 -0.12
CA LEU A 18 -1.50 6.89 -0.44
C LEU A 18 -0.83 7.72 -1.53
N CYS A 19 -1.64 8.36 -2.37
CA CYS A 19 -1.13 9.19 -3.45
C CYS A 19 -0.40 10.42 -2.90
N GLY A 20 -0.70 10.77 -1.66
CA GLY A 20 -0.07 11.92 -1.04
C GLY A 20 1.06 11.53 -0.10
N VAL A 21 1.19 10.23 0.14
CA VAL A 21 2.24 9.73 1.03
C VAL A 21 3.32 9.01 0.24
N PHE A 22 2.94 8.45 -0.90
CA PHE A 22 3.89 7.73 -1.75
C PHE A 22 3.39 7.68 -3.20
N PRO A 23 4.31 7.41 -4.14
CA PRO A 23 3.99 7.33 -5.56
C PRO A 23 3.16 6.09 -5.90
N PRO A 24 2.64 6.05 -7.13
CA PRO A 24 1.82 4.93 -7.60
C PRO A 24 2.64 3.65 -7.80
N HIS A 25 3.79 3.79 -8.46
CA HIS A 25 4.67 2.65 -8.71
C HIS A 25 5.01 1.93 -7.42
N LEU A 26 4.95 2.66 -6.30
CA LEU A 26 5.25 2.08 -4.99
C LEU A 26 4.02 1.38 -4.42
N VAL A 27 2.96 2.13 -4.21
CA VAL A 27 1.72 1.58 -3.66
C VAL A 27 1.28 0.35 -4.44
N GLU A 28 1.25 0.48 -5.76
CA GLU A 28 0.84 -0.62 -6.63
C GLU A 28 1.60 -1.90 -6.28
N ALA A 29 2.84 -1.73 -5.82
CA ALA A 29 3.67 -2.87 -5.46
C ALA A 29 3.36 -3.34 -4.04
N VAL A 30 3.50 -2.44 -3.07
CA VAL A 30 3.22 -2.78 -1.68
C VAL A 30 1.85 -3.41 -1.52
N MET A 31 0.89 -2.92 -2.31
CA MET A 31 -0.46 -3.44 -2.25
C MET A 31 -0.49 -4.94 -2.49
N ARG A 32 0.51 -5.45 -3.21
CA ARG A 32 0.60 -6.87 -3.51
C ARG A 32 1.17 -7.64 -2.32
N ARG A 33 1.90 -6.93 -1.46
CA ARG A 33 2.50 -7.55 -0.28
C ARG A 33 1.44 -7.81 0.79
N PHE A 34 0.62 -6.81 1.06
CA PHE A 34 -0.43 -6.93 2.07
C PHE A 34 -1.82 -6.84 1.42
N PRO A 35 -2.21 -7.90 0.72
CA PRO A 35 -3.51 -7.96 0.04
C PRO A 35 -4.68 -8.06 1.03
N GLN A 36 -4.36 -8.24 2.30
CA GLN A 36 -5.37 -8.35 3.34
C GLN A 36 -5.39 -7.09 4.20
N LEU A 37 -4.36 -6.27 4.07
CA LEU A 37 -4.27 -5.03 4.85
C LEU A 37 -3.89 -3.86 3.94
N LEU A 38 -4.79 -2.88 3.84
CA LEU A 38 -4.55 -1.71 3.01
C LEU A 38 -4.73 -0.43 3.82
N ASP A 39 -3.62 0.11 4.33
CA ASP A 39 -3.66 1.34 5.12
C ASP A 39 -2.64 2.35 4.60
N PRO A 40 -2.89 3.64 4.87
CA PRO A 40 -2.00 4.72 4.44
C PRO A 40 -0.68 4.72 5.20
N GLN A 41 -0.77 4.59 6.52
CA GLN A 41 0.42 4.58 7.36
C GLN A 41 1.15 3.24 7.26
N GLN A 42 0.41 2.15 7.46
CA GLN A 42 0.98 0.82 7.39
C GLN A 42 1.78 0.63 6.10
N LEU A 43 1.11 0.81 4.97
CA LEU A 43 1.76 0.66 3.67
C LEU A 43 2.93 1.62 3.53
N ALA A 44 2.88 2.72 4.29
CA ALA A 44 3.94 3.71 4.25
C ALA A 44 5.24 3.17 4.85
N ALA A 45 5.11 2.47 5.96
CA ALA A 45 6.26 1.89 6.64
C ALA A 45 6.92 0.81 5.77
N GLU A 46 6.10 -0.09 5.25
CA GLU A 46 6.60 -1.17 4.40
C GLU A 46 7.48 -0.61 3.28
N ILE A 47 7.04 0.48 2.68
CA ILE A 47 7.79 1.11 1.59
C ILE A 47 9.16 1.57 2.06
N LEU A 48 9.18 2.26 3.20
CA LEU A 48 10.43 2.75 3.77
C LEU A 48 11.47 1.63 3.87
N SER A 49 11.01 0.43 4.22
CA SER A 49 11.89 -0.71 4.36
C SER A 49 12.23 -1.31 2.99
N TYR A 50 11.22 -1.41 2.13
CA TYR A 50 11.40 -1.98 0.80
C TYR A 50 12.41 -1.14 -0.01
N LYS A 51 12.36 0.17 0.19
CA LYS A 51 13.26 1.08 -0.51
C LYS A 51 14.65 1.04 0.09
N SER A 52 14.73 1.24 1.41
CA SER A 52 16.00 1.22 2.11
C SER A 52 16.79 -0.04 1.79
N GLN A 53 16.06 -1.13 1.51
CA GLN A 53 16.69 -2.40 1.19
C GLN A 53 17.65 -2.26 0.01
N HIS A 54 17.31 -1.34 -0.90
CA HIS A 54 18.15 -1.11 -2.08
C HIS A 54 18.89 0.22 -1.96
N LEU A 55 19.27 0.57 -0.75
CA LEU A 55 19.99 1.82 -0.51
C LEU A 55 21.48 1.66 -0.79
N SER A 56 21.99 2.47 -1.70
CA SER A 56 23.41 2.42 -2.07
C SER A 56 23.97 3.82 -2.28
N GLU A 57 25.14 4.07 -1.71
CA GLU A 57 25.79 5.38 -1.83
C GLU A 57 26.65 5.43 -3.08
N GLY A 1 -7.31 -17.25 -4.84
CA GLY A 1 -8.08 -17.07 -3.63
C GLY A 1 -9.47 -16.51 -3.90
N PRO A 2 -10.24 -16.30 -2.83
CA PRO A 2 -11.61 -15.77 -2.93
C PRO A 2 -11.62 -14.31 -3.36
N HIS A 3 -12.81 -13.80 -3.69
CA HIS A 3 -12.96 -12.42 -4.11
C HIS A 3 -13.28 -11.51 -2.92
N MET A 4 -12.58 -10.38 -2.85
CA MET A 4 -12.78 -9.43 -1.77
C MET A 4 -14.19 -8.83 -1.82
N GLY A 5 -14.50 -7.98 -0.85
CA GLY A 5 -15.81 -7.35 -0.81
C GLY A 5 -15.80 -6.05 -0.01
N ASP A 6 -15.95 -6.17 1.30
CA ASP A 6 -15.96 -5.01 2.18
C ASP A 6 -14.63 -4.28 2.13
N LEU A 7 -13.54 -5.04 2.03
CA LEU A 7 -12.20 -4.47 1.97
C LEU A 7 -12.07 -3.50 0.81
N ALA A 8 -12.86 -3.73 -0.24
CA ALA A 8 -12.83 -2.87 -1.41
C ALA A 8 -13.02 -1.40 -1.02
N LYS A 9 -13.80 -1.17 0.03
CA LYS A 9 -14.06 0.19 0.50
C LYS A 9 -12.81 0.80 1.14
N GLU A 10 -12.01 -0.04 1.78
CA GLU A 10 -10.78 0.41 2.43
C GLU A 10 -9.79 0.93 1.39
N ARG A 11 -9.38 0.06 0.47
CA ARG A 11 -8.43 0.43 -0.57
C ARG A 11 -8.89 1.69 -1.30
N ALA A 12 -10.20 1.81 -1.50
CA ALA A 12 -10.77 2.96 -2.18
C ALA A 12 -10.28 4.27 -1.56
N GLY A 13 -10.58 4.45 -0.28
CA GLY A 13 -10.16 5.65 0.42
C GLY A 13 -8.68 5.67 0.72
N VAL A 14 -8.17 4.55 1.23
CA VAL A 14 -6.75 4.44 1.57
C VAL A 14 -5.88 4.84 0.40
N TYR A 15 -6.07 4.18 -0.74
CA TYR A 15 -5.29 4.47 -1.94
C TYR A 15 -5.33 5.96 -2.26
N THR A 16 -6.50 6.56 -2.12
CA THR A 16 -6.66 7.98 -2.40
C THR A 16 -5.63 8.81 -1.66
N LYS A 17 -5.39 8.46 -0.40
CA LYS A 17 -4.41 9.17 0.42
C LYS A 17 -2.99 8.76 0.06
N LEU A 18 -2.83 7.50 -0.35
CA LEU A 18 -1.52 6.98 -0.73
C LEU A 18 -0.90 7.82 -1.84
N CYS A 19 -1.75 8.38 -2.70
CA CYS A 19 -1.28 9.20 -3.80
C CYS A 19 -0.62 10.47 -3.29
N GLY A 20 -0.88 10.81 -2.03
CA GLY A 20 -0.30 12.00 -1.43
C GLY A 20 0.77 11.68 -0.41
N VAL A 21 1.01 10.39 -0.20
CA VAL A 21 2.01 9.95 0.77
C VAL A 21 3.14 9.18 0.09
N PHE A 22 2.83 8.58 -1.05
CA PHE A 22 3.83 7.81 -1.81
C PHE A 22 3.42 7.70 -3.28
N PRO A 23 4.40 7.40 -4.13
CA PRO A 23 4.18 7.25 -5.58
C PRO A 23 3.38 6.00 -5.91
N PRO A 24 2.93 5.91 -7.17
CA PRO A 24 2.14 4.76 -7.64
C PRO A 24 2.97 3.49 -7.74
N HIS A 25 4.16 3.61 -8.32
CA HIS A 25 5.05 2.46 -8.47
C HIS A 25 5.31 1.80 -7.12
N LEU A 26 5.18 2.56 -6.05
CA LEU A 26 5.39 2.04 -4.71
C LEU A 26 4.13 1.35 -4.17
N VAL A 27 3.05 2.11 -4.07
CA VAL A 27 1.78 1.57 -3.59
C VAL A 27 1.35 0.36 -4.40
N GLU A 28 1.29 0.54 -5.72
CA GLU A 28 0.89 -0.54 -6.61
C GLU A 28 1.71 -1.80 -6.35
N ALA A 29 2.94 -1.61 -5.88
CA ALA A 29 3.83 -2.73 -5.58
C ALA A 29 3.54 -3.31 -4.20
N VAL A 30 3.67 -2.46 -3.18
CA VAL A 30 3.42 -2.88 -1.81
C VAL A 30 2.04 -3.54 -1.67
N MET A 31 1.07 -3.02 -2.40
CA MET A 31 -0.28 -3.55 -2.37
C MET A 31 -0.30 -5.03 -2.75
N ARG A 32 0.69 -5.43 -3.55
CA ARG A 32 0.79 -6.83 -3.99
C ARG A 32 1.32 -7.72 -2.86
N ARG A 33 1.75 -7.09 -1.77
CA ARG A 33 2.28 -7.83 -0.63
C ARG A 33 1.23 -7.95 0.47
N PHE A 34 0.49 -6.88 0.69
CA PHE A 34 -0.54 -6.86 1.71
C PHE A 34 -1.93 -6.68 1.10
N PRO A 35 -2.40 -7.73 0.40
CA PRO A 35 -3.72 -7.73 -0.25
C PRO A 35 -4.86 -7.73 0.75
N GLN A 36 -4.54 -7.92 2.02
CA GLN A 36 -5.54 -7.95 3.07
C GLN A 36 -5.41 -6.74 3.99
N LEU A 37 -4.28 -6.05 3.89
CA LEU A 37 -4.03 -4.86 4.70
C LEU A 37 -3.69 -3.66 3.84
N LEU A 38 -4.58 -2.68 3.81
CA LEU A 38 -4.37 -1.46 3.02
C LEU A 38 -4.57 -0.22 3.88
N ASP A 39 -3.47 0.33 4.38
CA ASP A 39 -3.52 1.54 5.21
C ASP A 39 -2.56 2.60 4.70
N PRO A 40 -2.88 3.87 4.95
CA PRO A 40 -2.06 5.00 4.52
C PRO A 40 -0.75 5.08 5.30
N GLN A 41 -0.84 5.00 6.63
CA GLN A 41 0.34 5.07 7.48
C GLN A 41 1.04 3.71 7.54
N GLN A 42 0.27 2.67 7.82
CA GLN A 42 0.83 1.32 7.90
C GLN A 42 1.68 1.00 6.68
N LEU A 43 1.30 1.55 5.53
CA LEU A 43 2.04 1.32 4.30
C LEU A 43 3.39 2.02 4.33
N ALA A 44 3.42 3.22 4.90
CA ALA A 44 4.66 3.99 5.00
C ALA A 44 5.76 3.17 5.66
N ALA A 45 5.37 2.32 6.60
CA ALA A 45 6.32 1.47 7.31
C ALA A 45 6.91 0.41 6.39
N GLU A 46 6.04 -0.25 5.62
CA GLU A 46 6.48 -1.28 4.70
C GLU A 46 7.32 -0.69 3.57
N ILE A 47 6.85 0.43 3.02
CA ILE A 47 7.55 1.09 1.93
C ILE A 47 8.95 1.55 2.36
N LEU A 48 9.06 1.94 3.63
CA LEU A 48 10.34 2.39 4.18
C LEU A 48 11.38 1.28 4.08
N SER A 49 11.03 0.10 4.57
CA SER A 49 11.94 -1.05 4.55
C SER A 49 12.20 -1.50 3.11
N TYR A 50 11.13 -1.54 2.31
CA TYR A 50 11.25 -1.96 0.92
C TYR A 50 12.19 -1.06 0.14
N LYS A 51 12.09 0.24 0.39
CA LYS A 51 12.93 1.23 -0.28
C LYS A 51 14.40 1.05 0.13
N SER A 52 14.62 0.84 1.42
CA SER A 52 15.98 0.66 1.94
C SER A 52 16.64 -0.57 1.32
N GLN A 53 15.84 -1.59 1.06
CA GLN A 53 16.34 -2.83 0.47
C GLN A 53 17.03 -2.56 -0.86
N HIS A 54 16.49 -1.62 -1.62
CA HIS A 54 17.05 -1.26 -2.92
C HIS A 54 17.78 0.08 -2.84
N LEU A 55 18.56 0.26 -1.79
CA LEU A 55 19.32 1.49 -1.58
C LEU A 55 20.81 1.25 -1.83
N SER A 56 21.44 2.16 -2.57
CA SER A 56 22.85 2.05 -2.87
C SER A 56 23.70 2.70 -1.78
N GLU A 57 23.87 1.98 -0.67
CA GLU A 57 24.65 2.48 0.46
C GLU A 57 26.00 1.78 0.54
N GLY A 1 -17.06 -21.63 4.86
CA GLY A 1 -16.67 -20.94 3.64
C GLY A 1 -17.05 -19.47 3.67
N PRO A 2 -16.35 -18.69 4.50
CA PRO A 2 -16.59 -17.26 4.64
C PRO A 2 -16.16 -16.47 3.40
N HIS A 3 -16.45 -15.18 3.40
CA HIS A 3 -16.10 -14.32 2.27
C HIS A 3 -15.80 -12.90 2.75
N MET A 4 -15.29 -12.08 1.84
CA MET A 4 -14.96 -10.70 2.16
C MET A 4 -15.22 -9.77 0.97
N GLY A 5 -16.14 -8.83 1.15
CA GLY A 5 -16.47 -7.91 0.08
C GLY A 5 -16.57 -6.48 0.56
N ASP A 6 -15.90 -6.18 1.67
CA ASP A 6 -15.92 -4.83 2.24
C ASP A 6 -14.56 -4.17 2.09
N LEU A 7 -13.51 -4.98 2.04
CA LEU A 7 -12.16 -4.46 1.90
C LEU A 7 -12.05 -3.50 0.72
N ALA A 8 -12.88 -3.71 -0.29
CA ALA A 8 -12.89 -2.87 -1.47
C ALA A 8 -13.04 -1.39 -1.08
N LYS A 9 -13.82 -1.14 -0.05
CA LYS A 9 -14.06 0.22 0.42
C LYS A 9 -12.78 0.81 1.03
N GLU A 10 -12.02 -0.02 1.74
CA GLU A 10 -10.79 0.42 2.37
C GLU A 10 -9.78 0.89 1.31
N ARG A 11 -9.42 -0.01 0.41
CA ARG A 11 -8.47 0.32 -0.65
C ARG A 11 -8.91 1.56 -1.41
N ALA A 12 -10.21 1.76 -1.51
CA ALA A 12 -10.77 2.91 -2.21
C ALA A 12 -10.27 4.22 -1.60
N GLY A 13 -10.53 4.40 -0.30
CA GLY A 13 -10.10 5.60 0.38
C GLY A 13 -8.61 5.61 0.66
N VAL A 14 -8.11 4.49 1.18
CA VAL A 14 -6.69 4.36 1.50
C VAL A 14 -5.82 4.77 0.31
N TYR A 15 -6.03 4.11 -0.82
CA TYR A 15 -5.26 4.40 -2.03
C TYR A 15 -5.32 5.89 -2.36
N THR A 16 -6.51 6.47 -2.25
CA THR A 16 -6.69 7.88 -2.55
C THR A 16 -5.70 8.74 -1.77
N LYS A 17 -5.48 8.40 -0.51
CA LYS A 17 -4.55 9.14 0.33
C LYS A 17 -3.11 8.77 0.01
N LEU A 18 -2.90 7.51 -0.39
CA LEU A 18 -1.57 7.03 -0.74
C LEU A 18 -0.94 7.90 -1.82
N CYS A 19 -1.78 8.46 -2.69
CA CYS A 19 -1.29 9.31 -3.77
C CYS A 19 -0.67 10.59 -3.22
N GLY A 20 -0.93 10.87 -1.95
CA GLY A 20 -0.38 12.05 -1.32
C GLY A 20 0.68 11.73 -0.28
N VAL A 21 0.94 10.44 -0.09
CA VAL A 21 1.94 10.01 0.88
C VAL A 21 3.07 9.26 0.19
N PHE A 22 2.78 8.68 -0.97
CA PHE A 22 3.78 7.94 -1.73
C PHE A 22 3.39 7.86 -3.20
N PRO A 23 4.40 7.59 -4.06
CA PRO A 23 4.18 7.48 -5.50
C PRO A 23 3.39 6.23 -5.88
N PRO A 24 2.95 6.16 -7.14
CA PRO A 24 2.17 5.03 -7.65
C PRO A 24 3.01 3.75 -7.78
N HIS A 25 4.20 3.90 -8.33
CA HIS A 25 5.10 2.76 -8.51
C HIS A 25 5.34 2.06 -7.17
N LEU A 26 5.20 2.79 -6.08
CA LEU A 26 5.40 2.24 -4.75
C LEU A 26 4.14 1.53 -4.26
N VAL A 27 3.05 2.28 -4.14
CA VAL A 27 1.79 1.73 -3.68
C VAL A 27 1.40 0.49 -4.49
N GLU A 28 1.39 0.64 -5.80
CA GLU A 28 1.04 -0.46 -6.70
C GLU A 28 1.87 -1.70 -6.37
N ALA A 29 3.08 -1.48 -5.88
CA ALA A 29 3.98 -2.58 -5.53
C ALA A 29 3.67 -3.12 -4.15
N VAL A 30 3.74 -2.25 -3.14
CA VAL A 30 3.47 -2.65 -1.77
C VAL A 30 2.11 -3.33 -1.65
N MET A 31 1.14 -2.84 -2.41
CA MET A 31 -0.21 -3.40 -2.40
C MET A 31 -0.18 -4.89 -2.77
N ARG A 32 0.83 -5.27 -3.55
CA ARG A 32 0.98 -6.66 -3.97
C ARG A 32 1.51 -7.53 -2.85
N ARG A 33 1.92 -6.88 -1.76
CA ARG A 33 2.46 -7.60 -0.61
C ARG A 33 1.40 -7.77 0.47
N PHE A 34 0.60 -6.73 0.70
CA PHE A 34 -0.45 -6.77 1.70
C PHE A 34 -1.82 -6.67 1.05
N PRO A 35 -2.25 -7.75 0.39
CA PRO A 35 -3.55 -7.81 -0.29
C PRO A 35 -4.71 -7.84 0.70
N GLN A 36 -4.39 -7.99 1.97
CA GLN A 36 -5.42 -8.03 3.02
C GLN A 36 -5.32 -6.81 3.93
N LEU A 37 -4.19 -6.11 3.84
CA LEU A 37 -3.97 -4.93 4.66
C LEU A 37 -3.66 -3.71 3.79
N LEU A 38 -4.55 -2.73 3.81
CA LEU A 38 -4.38 -1.51 3.02
C LEU A 38 -4.60 -0.28 3.87
N ASP A 39 -3.51 0.30 4.37
CA ASP A 39 -3.58 1.49 5.21
C ASP A 39 -2.65 2.58 4.69
N PRO A 40 -3.00 3.84 4.96
CA PRO A 40 -2.20 5.00 4.52
C PRO A 40 -0.89 5.11 5.27
N GLN A 41 -0.94 5.00 6.59
CA GLN A 41 0.26 5.08 7.42
C GLN A 41 0.99 3.75 7.43
N GLN A 42 0.28 2.68 7.73
CA GLN A 42 0.87 1.34 7.78
C GLN A 42 1.72 1.08 6.53
N LEU A 43 1.16 1.34 5.37
CA LEU A 43 1.86 1.14 4.10
C LEU A 43 3.22 1.83 4.12
N ALA A 44 3.28 3.00 4.74
CA ALA A 44 4.52 3.75 4.84
C ALA A 44 5.65 2.90 5.42
N ALA A 45 5.35 2.20 6.50
CA ALA A 45 6.34 1.34 7.14
C ALA A 45 6.95 0.37 6.14
N GLU A 46 6.10 -0.35 5.42
CA GLU A 46 6.58 -1.31 4.42
C GLU A 46 7.39 -0.61 3.34
N ILE A 47 6.87 0.50 2.84
CA ILE A 47 7.56 1.26 1.79
C ILE A 47 8.93 1.72 2.26
N LEU A 48 9.02 2.13 3.52
CA LEU A 48 10.27 2.60 4.09
C LEU A 48 11.32 1.48 4.11
N SER A 49 10.84 0.25 4.34
CA SER A 49 11.74 -0.91 4.39
C SER A 49 12.12 -1.34 2.98
N TYR A 50 11.13 -1.49 2.12
CA TYR A 50 11.36 -1.91 0.74
C TYR A 50 12.34 -0.96 0.05
N LYS A 51 12.30 0.30 0.43
CA LYS A 51 13.20 1.31 -0.16
C LYS A 51 14.65 0.99 0.15
N SER A 52 14.96 0.83 1.44
CA SER A 52 16.33 0.52 1.86
C SER A 52 16.70 -0.90 1.47
N GLN A 53 15.71 -1.76 1.34
CA GLN A 53 15.94 -3.15 0.96
C GLN A 53 16.70 -3.24 -0.35
N HIS A 54 16.56 -2.21 -1.18
CA HIS A 54 17.24 -2.18 -2.47
C HIS A 54 18.44 -1.24 -2.43
N LEU A 55 19.12 -1.22 -1.28
CA LEU A 55 20.30 -0.38 -1.11
C LEU A 55 21.40 -1.13 -0.38
N SER A 56 22.65 -0.74 -0.65
CA SER A 56 23.80 -1.38 -0.02
C SER A 56 23.64 -1.40 1.50
N GLU A 57 24.11 -2.49 2.12
CA GLU A 57 24.02 -2.64 3.56
C GLU A 57 25.39 -2.53 4.20
N GLY A 1 -18.55 -11.97 -4.32
CA GLY A 1 -18.34 -11.03 -5.41
C GLY A 1 -18.04 -9.64 -4.91
N PRO A 2 -17.84 -8.69 -5.85
CA PRO A 2 -17.53 -7.30 -5.52
C PRO A 2 -18.73 -6.58 -4.91
N HIS A 3 -19.93 -7.12 -5.14
CA HIS A 3 -21.14 -6.52 -4.61
C HIS A 3 -21.03 -6.30 -3.10
N MET A 4 -20.24 -7.14 -2.44
CA MET A 4 -20.04 -7.04 -1.00
C MET A 4 -18.56 -7.06 -0.64
N GLY A 5 -18.25 -6.77 0.62
CA GLY A 5 -16.87 -6.77 1.06
C GLY A 5 -16.38 -5.39 1.40
N ASP A 6 -16.12 -5.16 2.69
CA ASP A 6 -15.64 -3.85 3.15
C ASP A 6 -14.19 -3.63 2.75
N LEU A 7 -13.46 -4.73 2.55
CA LEU A 7 -12.06 -4.66 2.17
C LEU A 7 -11.88 -3.78 0.93
N ALA A 8 -12.82 -3.91 -0.01
CA ALA A 8 -12.77 -3.12 -1.24
C ALA A 8 -12.99 -1.64 -0.96
N LYS A 9 -13.73 -1.35 0.10
CA LYS A 9 -14.02 0.02 0.48
C LYS A 9 -12.79 0.69 1.09
N GLU A 10 -11.90 -0.12 1.66
CA GLU A 10 -10.68 0.40 2.27
C GLU A 10 -9.74 0.95 1.21
N ARG A 11 -9.31 0.08 0.31
CA ARG A 11 -8.39 0.48 -0.76
C ARG A 11 -8.91 1.70 -1.50
N ALA A 12 -10.23 1.80 -1.63
CA ALA A 12 -10.86 2.92 -2.31
C ALA A 12 -10.37 4.25 -1.73
N GLY A 13 -10.59 4.45 -0.43
CA GLY A 13 -10.17 5.68 0.21
C GLY A 13 -8.69 5.70 0.49
N VAL A 14 -8.16 4.60 1.01
CA VAL A 14 -6.74 4.50 1.32
C VAL A 14 -5.88 4.89 0.12
N TYR A 15 -6.10 4.22 -0.99
CA TYR A 15 -5.34 4.49 -2.22
C TYR A 15 -5.39 5.98 -2.55
N THR A 16 -6.57 6.58 -2.40
CA THR A 16 -6.74 7.99 -2.69
C THR A 16 -5.76 8.85 -1.90
N LYS A 17 -5.60 8.53 -0.62
CA LYS A 17 -4.68 9.27 0.24
C LYS A 17 -3.24 8.86 -0.02
N LEU A 18 -3.04 7.58 -0.32
CA LEU A 18 -1.71 7.05 -0.60
C LEU A 18 -1.03 7.83 -1.72
N CYS A 19 -1.85 8.40 -2.61
CA CYS A 19 -1.34 9.17 -3.74
C CYS A 19 -0.68 10.47 -3.25
N GLY A 20 -1.06 10.90 -2.05
CA GLY A 20 -0.51 12.13 -1.50
C GLY A 20 0.59 11.85 -0.48
N VAL A 21 0.79 10.57 -0.17
CA VAL A 21 1.80 10.19 0.80
C VAL A 21 2.95 9.44 0.12
N PHE A 22 2.65 8.81 -1.00
CA PHE A 22 3.66 8.06 -1.74
C PHE A 22 3.25 7.90 -3.20
N PRO A 23 4.25 7.62 -4.07
CA PRO A 23 4.01 7.44 -5.50
C PRO A 23 3.24 6.15 -5.80
N PRO A 24 2.77 6.02 -7.05
CA PRO A 24 2.02 4.84 -7.50
C PRO A 24 2.90 3.59 -7.60
N HIS A 25 4.08 3.75 -8.18
CA HIS A 25 5.01 2.63 -8.33
C HIS A 25 5.31 1.99 -6.98
N LEU A 26 5.15 2.77 -5.91
CA LEU A 26 5.41 2.27 -4.56
C LEU A 26 4.18 1.54 -4.03
N VAL A 27 3.07 2.26 -3.91
CA VAL A 27 1.83 1.68 -3.41
C VAL A 27 1.43 0.45 -4.22
N GLU A 28 1.38 0.60 -5.53
CA GLU A 28 1.01 -0.50 -6.41
C GLU A 28 1.87 -1.74 -6.12
N ALA A 29 3.08 -1.52 -5.67
CA ALA A 29 4.00 -2.60 -5.34
C ALA A 29 3.73 -3.15 -3.95
N VAL A 30 3.83 -2.29 -2.94
CA VAL A 30 3.61 -2.68 -1.56
C VAL A 30 2.26 -3.38 -1.41
N MET A 31 1.24 -2.83 -2.04
CA MET A 31 -0.11 -3.40 -1.97
C MET A 31 -0.09 -4.86 -2.44
N ARG A 32 0.86 -5.19 -3.30
CA ARG A 32 0.98 -6.55 -3.82
C ARG A 32 1.35 -7.53 -2.71
N ARG A 33 1.88 -7.00 -1.61
CA ARG A 33 2.28 -7.82 -0.48
C ARG A 33 1.13 -7.97 0.52
N PHE A 34 0.31 -6.93 0.63
CA PHE A 34 -0.82 -6.94 1.55
C PHE A 34 -2.14 -6.91 0.78
N PRO A 35 -2.50 -8.05 0.17
CA PRO A 35 -3.74 -8.18 -0.61
C PRO A 35 -4.98 -8.15 0.28
N GLN A 36 -4.77 -8.28 1.58
CA GLN A 36 -5.89 -8.28 2.53
C GLN A 36 -5.81 -7.05 3.42
N LEU A 37 -4.67 -6.37 3.41
CA LEU A 37 -4.48 -5.17 4.23
C LEU A 37 -4.08 -3.98 3.36
N LEU A 38 -4.87 -2.93 3.42
CA LEU A 38 -4.61 -1.72 2.64
C LEU A 38 -4.71 -0.47 3.51
N ASP A 39 -3.57 0.00 3.99
CA ASP A 39 -3.52 1.19 4.84
C ASP A 39 -2.51 2.20 4.31
N PRO A 40 -2.78 3.49 4.56
CA PRO A 40 -1.89 4.58 4.11
C PRO A 40 -0.57 4.60 4.87
N GLN A 41 -0.65 4.52 6.20
CA GLN A 41 0.53 4.54 7.04
C GLN A 41 1.18 3.16 7.09
N GLN A 42 0.38 2.15 7.40
CA GLN A 42 0.88 0.77 7.48
C GLN A 42 1.73 0.43 6.27
N LEU A 43 1.19 0.67 5.08
CA LEU A 43 1.90 0.39 3.84
C LEU A 43 3.23 1.13 3.79
N ALA A 44 3.23 2.37 4.26
CA ALA A 44 4.44 3.19 4.27
C ALA A 44 5.55 2.49 5.04
N ALA A 45 5.20 1.89 6.18
CA ALA A 45 6.17 1.19 7.00
C ALA A 45 6.97 0.18 6.17
N GLU A 46 6.31 -0.45 5.22
CA GLU A 46 6.97 -1.43 4.35
C GLU A 46 7.81 -0.74 3.28
N ILE A 47 7.38 0.45 2.88
CA ILE A 47 8.08 1.21 1.86
C ILE A 47 9.46 1.65 2.36
N LEU A 48 9.49 2.26 3.55
CA LEU A 48 10.74 2.72 4.13
C LEU A 48 11.78 1.61 4.16
N SER A 49 11.33 0.39 4.43
CA SER A 49 12.22 -0.76 4.49
C SER A 49 12.53 -1.27 3.08
N TYR A 50 11.51 -1.31 2.23
CA TYR A 50 11.67 -1.79 0.86
C TYR A 50 12.70 -0.94 0.12
N LYS A 51 12.61 0.38 0.27
CA LYS A 51 13.52 1.30 -0.38
C LYS A 51 14.91 1.21 0.24
N SER A 52 14.98 1.40 1.55
CA SER A 52 16.26 1.35 2.26
C SER A 52 17.00 0.06 1.95
N GLN A 53 16.26 -1.04 1.89
CA GLN A 53 16.85 -2.34 1.60
C GLN A 53 17.30 -2.42 0.14
N HIS A 54 16.61 -1.69 -0.73
CA HIS A 54 16.94 -1.69 -2.15
C HIS A 54 17.56 -0.35 -2.55
N LEU A 55 18.35 0.23 -1.65
CA LEU A 55 19.01 1.50 -1.91
C LEU A 55 20.40 1.30 -2.48
N SER A 56 20.65 1.88 -3.65
CA SER A 56 21.95 1.75 -4.31
C SER A 56 23.05 2.35 -3.44
N GLU A 57 23.78 1.48 -2.74
CA GLU A 57 24.86 1.92 -1.87
C GLU A 57 26.17 2.06 -2.65
N GLY A 1 -14.09 -12.34 -11.52
CA GLY A 1 -15.52 -12.18 -11.71
C GLY A 1 -16.17 -11.40 -10.59
N PRO A 2 -17.52 -11.40 -10.56
CA PRO A 2 -18.28 -10.69 -9.54
C PRO A 2 -18.15 -11.32 -8.17
N HIS A 3 -17.65 -10.55 -7.21
CA HIS A 3 -17.48 -11.04 -5.85
C HIS A 3 -17.59 -9.89 -4.85
N MET A 4 -18.12 -10.20 -3.66
CA MET A 4 -18.29 -9.19 -2.62
C MET A 4 -16.95 -8.88 -1.96
N GLY A 5 -16.99 -8.02 -0.95
CA GLY A 5 -15.78 -7.65 -0.24
C GLY A 5 -15.83 -6.24 0.31
N ASP A 6 -16.07 -6.11 1.61
CA ASP A 6 -16.14 -4.81 2.25
C ASP A 6 -14.83 -4.06 2.11
N LEU A 7 -13.74 -4.80 1.97
CA LEU A 7 -12.41 -4.21 1.82
C LEU A 7 -12.36 -3.26 0.63
N ALA A 8 -13.26 -3.48 -0.33
CA ALA A 8 -13.32 -2.64 -1.52
C ALA A 8 -13.47 -1.17 -1.15
N LYS A 9 -14.06 -0.91 0.01
CA LYS A 9 -14.26 0.46 0.48
C LYS A 9 -12.98 0.99 1.12
N GLU A 10 -12.17 0.10 1.67
CA GLU A 10 -10.92 0.48 2.32
C GLU A 10 -9.89 0.90 1.28
N ARG A 11 -9.54 -0.03 0.40
CA ARG A 11 -8.55 0.25 -0.64
C ARG A 11 -8.94 1.48 -1.46
N ALA A 12 -10.24 1.73 -1.54
CA ALA A 12 -10.75 2.88 -2.29
C ALA A 12 -10.27 4.19 -1.66
N GLY A 13 -10.57 4.36 -0.38
CA GLY A 13 -10.17 5.58 0.31
C GLY A 13 -8.69 5.60 0.64
N VAL A 14 -8.18 4.49 1.18
CA VAL A 14 -6.78 4.38 1.53
C VAL A 14 -5.88 4.78 0.37
N TYR A 15 -6.05 4.10 -0.76
CA TYR A 15 -5.27 4.38 -1.95
C TYR A 15 -5.29 5.87 -2.29
N THR A 16 -6.47 6.48 -2.18
CA THR A 16 -6.62 7.89 -2.46
C THR A 16 -5.60 8.73 -1.70
N LYS A 17 -5.39 8.39 -0.43
CA LYS A 17 -4.43 9.10 0.40
C LYS A 17 -3.00 8.69 0.07
N LEU A 18 -2.83 7.42 -0.32
CA LEU A 18 -1.52 6.91 -0.68
C LEU A 18 -0.88 7.74 -1.77
N CYS A 19 -1.71 8.32 -2.63
CA CYS A 19 -1.21 9.15 -3.74
C CYS A 19 -0.55 10.41 -3.20
N GLY A 20 -0.83 10.74 -1.94
CA GLY A 20 -0.26 11.93 -1.34
C GLY A 20 0.79 11.61 -0.29
N VAL A 21 1.04 10.31 -0.09
CA VAL A 21 2.03 9.87 0.88
C VAL A 21 3.16 9.11 0.20
N PHE A 22 2.86 8.50 -0.94
CA PHE A 22 3.85 7.74 -1.69
C PHE A 22 3.47 7.63 -3.16
N PRO A 23 4.46 7.34 -4.02
CA PRO A 23 4.24 7.20 -5.46
C PRO A 23 3.44 5.95 -5.80
N PRO A 24 3.01 5.86 -7.08
CA PRO A 24 2.23 4.73 -7.57
C PRO A 24 3.05 3.45 -7.66
N HIS A 25 4.25 3.56 -8.23
CA HIS A 25 5.13 2.41 -8.37
C HIS A 25 5.37 1.73 -7.03
N LEU A 26 5.23 2.50 -5.94
CA LEU A 26 5.43 1.97 -4.60
C LEU A 26 4.16 1.28 -4.10
N VAL A 27 3.08 2.05 -3.99
CA VAL A 27 1.81 1.52 -3.52
C VAL A 27 1.39 0.31 -4.34
N GLU A 28 1.36 0.48 -5.67
CA GLU A 28 0.96 -0.60 -6.56
C GLU A 28 1.76 -1.87 -6.27
N ALA A 29 2.99 -1.69 -5.77
CA ALA A 29 3.86 -2.82 -5.45
C ALA A 29 3.54 -3.37 -4.06
N VAL A 30 3.66 -2.51 -3.05
CA VAL A 30 3.38 -2.91 -1.68
C VAL A 30 2.02 -3.56 -1.55
N MET A 31 1.05 -3.03 -2.30
CA MET A 31 -0.32 -3.56 -2.27
C MET A 31 -0.34 -5.04 -2.65
N ARG A 32 0.66 -5.45 -3.43
CA ARG A 32 0.75 -6.84 -3.86
C ARG A 32 1.25 -7.73 -2.72
N ARG A 33 1.83 -7.12 -1.70
CA ARG A 33 2.34 -7.85 -0.55
C ARG A 33 1.28 -7.98 0.54
N PHE A 34 0.54 -6.90 0.78
CA PHE A 34 -0.51 -6.90 1.78
C PHE A 34 -1.88 -6.72 1.14
N PRO A 35 -2.36 -7.79 0.47
CA PRO A 35 -3.66 -7.78 -0.21
C PRO A 35 -4.82 -7.76 0.78
N GLN A 36 -4.50 -7.94 2.06
CA GLN A 36 -5.52 -7.94 3.10
C GLN A 36 -5.37 -6.74 4.02
N LEU A 37 -4.23 -6.07 3.92
CA LEU A 37 -3.96 -4.89 4.75
C LEU A 37 -3.65 -3.68 3.87
N LEU A 38 -4.55 -2.70 3.87
CA LEU A 38 -4.37 -1.49 3.08
C LEU A 38 -4.59 -0.24 3.94
N ASP A 39 -3.50 0.32 4.44
CA ASP A 39 -3.57 1.52 5.27
C ASP A 39 -2.61 2.60 4.76
N PRO A 40 -2.97 3.86 5.00
CA PRO A 40 -2.16 5.01 4.56
C PRO A 40 -0.87 5.13 5.35
N GLN A 41 -0.96 5.01 6.67
CA GLN A 41 0.20 5.10 7.54
C GLN A 41 0.96 3.79 7.57
N GLN A 42 0.25 2.70 7.83
CA GLN A 42 0.87 1.38 7.88
C GLN A 42 1.74 1.14 6.66
N LEU A 43 1.19 1.39 5.48
CA LEU A 43 1.92 1.19 4.23
C LEU A 43 3.26 1.92 4.27
N ALA A 44 3.29 3.07 4.95
CA ALA A 44 4.51 3.85 5.07
C ALA A 44 5.63 3.05 5.73
N ALA A 45 5.23 2.15 6.63
CA ALA A 45 6.21 1.33 7.34
C ALA A 45 6.85 0.30 6.40
N GLU A 46 6.01 -0.41 5.65
CA GLU A 46 6.48 -1.41 4.71
C GLU A 46 7.29 -0.76 3.58
N ILE A 47 6.73 0.28 2.98
CA ILE A 47 7.39 0.99 1.89
C ILE A 47 8.80 1.41 2.29
N LEU A 48 8.94 1.87 3.53
CA LEU A 48 10.23 2.32 4.04
C LEU A 48 11.30 1.24 3.83
N SER A 49 10.87 -0.02 3.83
CA SER A 49 11.79 -1.14 3.64
C SER A 49 12.12 -1.33 2.16
N TYR A 50 11.11 -1.11 1.32
CA TYR A 50 11.29 -1.27 -0.13
C TYR A 50 12.44 -0.41 -0.63
N LYS A 51 12.57 0.79 -0.06
CA LYS A 51 13.62 1.72 -0.44
C LYS A 51 14.96 1.30 0.16
N SER A 52 14.95 0.99 1.46
CA SER A 52 16.15 0.58 2.16
C SER A 52 16.75 -0.68 1.53
N GLN A 53 15.91 -1.45 0.85
CA GLN A 53 16.35 -2.67 0.20
C GLN A 53 17.48 -2.39 -0.78
N HIS A 54 17.43 -1.23 -1.43
CA HIS A 54 18.45 -0.83 -2.39
C HIS A 54 19.49 0.08 -1.74
N LEU A 55 19.79 -0.18 -0.47
CA LEU A 55 20.77 0.62 0.27
C LEU A 55 21.91 -0.26 0.77
N SER A 56 23.12 0.07 0.34
CA SER A 56 24.30 -0.69 0.73
C SER A 56 24.78 -0.25 2.13
N GLU A 57 24.60 -1.12 3.11
CA GLU A 57 25.01 -0.83 4.47
C GLU A 57 26.53 -0.82 4.59
#